data_4V33
#
_entry.id   4V33
#
_cell.length_a   108.964
_cell.length_b   68.763
_cell.length_c   132.022
_cell.angle_alpha   90.00
_cell.angle_beta   96.86
_cell.angle_gamma   90.00
#
_symmetry.space_group_name_H-M   'C 1 2 1'
#
loop_
_entity.id
_entity.type
_entity.pdbx_description
1 polymer 'POLYSACCHARIDE DEACETYLASE-LIKE PROTEIN'
2 non-polymer 'ACETATE ION'
3 non-polymer 'ZINC ION'
4 non-polymer 1,2-ETHANEDIOL
5 water water
#
_entity_poly.entity_id   1
_entity_poly.type   'polypeptide(L)'
_entity_poly.pdbx_seq_one_letter_code
;MRKYAAIALCTSAILAGCNTSNVSQEPNKERKVQETKKQAETVQEQGKISYNPITHESTNTTIHMTDIKDTLTEVQYKIW
RTADGKETAKSLSSKEKEKQFSLPFDTKEFEGKRGEFQIEAIGIKEDGKTIPLTKSAITFEQKVPVLMYHAIDDYHGQGI
KDLFVSPANFEAQMKYLKDNGYTLLTFERWGDINKVNKPIFVTFDDGMKNNMNAFHVLQKLKDDTFKPVATEYMIVNNVD
AEGSLSTSDIKEMVDSGIFSMQSHTATHADLPKITNYEEELKESKEKLEKITGKPVIAVAY(PXU)FGHVDDKVVAETKK
YYQFATTTKPGKFITKGEPDELLKMKRVRIHHTTTVEQFASSIK
;
_entity_poly.pdbx_strand_id   A,B
#
loop_
_chem_comp.id
_chem_comp.type
_chem_comp.name
_chem_comp.formula
ACT non-polymer 'ACETATE ION' 'C2 H3 O2 -1'
EDO non-polymer 1,2-ETHANEDIOL 'C2 H6 O2'
ZN non-polymer 'ZINC ION' 'Zn 2'
#
# COMPACT_ATOMS: atom_id res chain seq x y z
N GLU A 45 19.43 29.11 -37.77
CA GLU A 45 20.23 29.84 -38.73
C GLU A 45 20.08 29.28 -40.14
N GLN A 46 20.05 27.96 -40.27
CA GLN A 46 19.74 27.34 -41.56
C GLN A 46 19.12 25.95 -41.41
N GLY A 47 18.33 25.57 -42.41
CA GLY A 47 17.69 24.27 -42.41
C GLY A 47 16.35 24.27 -41.70
N LYS A 48 15.59 23.20 -41.92
CA LYS A 48 14.31 23.03 -41.28
C LYS A 48 14.15 21.59 -40.83
N ILE A 49 13.78 21.42 -39.57
CA ILE A 49 13.51 20.10 -39.03
C ILE A 49 12.05 19.77 -39.26
N SER A 50 11.79 18.58 -39.79
CA SER A 50 10.42 18.08 -39.89
C SER A 50 10.38 16.63 -39.43
N TYR A 51 9.17 16.08 -39.32
CA TYR A 51 9.02 14.68 -38.96
C TYR A 51 7.71 14.15 -39.50
N ASN A 52 7.64 12.83 -39.66
CA ASN A 52 6.40 12.20 -40.11
C ASN A 52 5.29 12.51 -39.10
N PRO A 53 4.09 12.82 -39.61
CA PRO A 53 2.97 13.22 -38.74
C PRO A 53 2.71 12.22 -37.62
N ILE A 54 2.38 12.74 -36.44
CA ILE A 54 2.03 11.88 -35.31
C ILE A 54 0.67 12.27 -34.76
N THR A 55 0.09 11.39 -33.96
CA THR A 55 -1.14 11.69 -33.26
C THR A 55 -0.89 11.45 -31.77
N HIS A 56 -1.90 11.65 -30.94
CA HIS A 56 -1.75 11.46 -29.51
C HIS A 56 -1.42 10.02 -29.14
N GLU A 57 -1.69 9.09 -30.07
CA GLU A 57 -1.43 7.68 -29.83
C GLU A 57 -0.03 7.26 -30.29
N SER A 58 0.65 8.13 -31.01
CA SER A 58 1.94 7.77 -31.59
C SER A 58 3.01 7.54 -30.52
N THR A 59 3.95 6.63 -30.82
CA THR A 59 5.08 6.39 -29.93
C THR A 59 6.40 6.61 -30.66
N ASN A 60 6.32 6.76 -31.98
CA ASN A 60 7.51 6.98 -32.78
C ASN A 60 7.26 7.75 -34.07
N THR A 61 8.34 8.14 -34.73
CA THR A 61 8.26 8.83 -36.01
C THR A 61 9.65 8.84 -36.63
N THR A 62 9.80 9.56 -37.74
CA THR A 62 11.11 9.75 -38.35
C THR A 62 11.35 11.24 -38.56
N ILE A 63 12.52 11.70 -38.11
CA ILE A 63 12.90 13.10 -38.25
C ILE A 63 13.72 13.31 -39.53
N HIS A 64 13.49 14.42 -40.21
CA HIS A 64 14.25 14.74 -41.42
C HIS A 64 14.71 16.19 -41.36
N MET A 65 15.71 16.52 -42.17
CA MET A 65 16.08 17.90 -42.37
CA MET A 65 16.00 17.93 -42.41
C MET A 65 15.99 18.29 -43.83
N THR A 66 15.47 19.49 -44.08
CA THR A 66 15.45 20.04 -45.43
C THR A 66 16.03 21.45 -45.42
N ASP A 67 16.14 22.03 -46.61
CA ASP A 67 16.54 23.43 -46.76
C ASP A 67 17.94 23.73 -46.20
N ILE A 68 18.80 22.72 -46.13
CA ILE A 68 20.17 22.94 -45.69
C ILE A 68 20.95 23.63 -46.79
N LYS A 69 21.72 24.64 -46.42
CA LYS A 69 22.50 25.38 -47.40
C LYS A 69 23.94 24.89 -47.50
N ASP A 70 24.58 24.60 -46.37
CA ASP A 70 25.93 24.06 -46.39
C ASP A 70 25.95 22.60 -46.88
N THR A 71 27.06 22.21 -47.48
CA THR A 71 27.33 20.81 -47.83
CA THR A 71 27.28 20.81 -47.82
C THR A 71 27.73 20.06 -46.57
N LEU A 72 27.02 18.99 -46.25
CA LEU A 72 27.26 18.24 -45.02
C LEU A 72 27.46 16.75 -45.24
N THR A 73 28.21 16.12 -44.34
CA THR A 73 28.37 14.67 -44.35
CA THR A 73 28.34 14.67 -44.35
C THR A 73 27.46 14.05 -43.28
N GLU A 74 27.07 14.85 -42.30
CA GLU A 74 26.38 14.34 -41.12
C GLU A 74 25.55 15.42 -40.46
N VAL A 75 24.44 15.03 -39.86
CA VAL A 75 23.69 15.92 -38.98
C VAL A 75 23.63 15.27 -37.61
N GLN A 76 23.91 16.03 -36.56
CA GLN A 76 23.75 15.52 -35.21
C GLN A 76 22.58 16.20 -34.54
N TYR A 77 21.66 15.39 -34.01
CA TYR A 77 20.48 15.91 -33.34
C TYR A 77 20.63 15.74 -31.84
N LYS A 78 20.74 16.87 -31.14
CA LYS A 78 20.79 16.83 -29.68
C LYS A 78 19.34 16.88 -29.19
N ILE A 79 18.95 15.87 -28.44
CA ILE A 79 17.56 15.73 -28.04
C ILE A 79 17.45 15.49 -26.55
N TRP A 80 16.49 16.17 -25.94
CA TRP A 80 16.17 15.91 -24.54
C TRP A 80 14.70 16.15 -24.28
N ARG A 81 14.20 15.55 -23.20
CA ARG A 81 12.85 15.82 -22.75
C ARG A 81 12.86 17.08 -21.92
N THR A 82 12.00 18.03 -22.28
CA THR A 82 11.90 19.28 -21.55
C THR A 82 11.75 19.03 -20.04
N ALA A 83 10.93 18.05 -19.71
CA ALA A 83 10.63 17.71 -18.31
C ALA A 83 11.86 17.28 -17.53
N ASP A 84 12.84 16.70 -18.21
CA ASP A 84 14.02 16.16 -17.56
C ASP A 84 15.22 17.12 -17.58
N GLY A 85 15.15 18.14 -18.45
CA GLY A 85 16.19 19.15 -18.50
C GLY A 85 17.25 18.90 -19.55
N LYS A 86 17.80 19.99 -20.09
CA LYS A 86 18.81 19.91 -21.14
C LYS A 86 20.06 19.16 -20.70
N GLU A 87 20.34 19.15 -19.41
CA GLU A 87 21.51 18.46 -18.90
C GLU A 87 21.44 16.95 -19.19
N THR A 88 20.24 16.43 -19.43
CA THR A 88 20.06 15.00 -19.68
C THR A 88 20.11 14.64 -21.16
N ALA A 89 20.40 15.62 -22.02
CA ALA A 89 20.38 15.40 -23.46
C ALA A 89 21.36 14.33 -23.95
N LYS A 90 20.99 13.70 -25.05
CA LYS A 90 21.90 12.83 -25.79
C LYS A 90 21.98 13.35 -27.21
N SER A 91 22.95 12.87 -27.97
CA SER A 91 23.08 13.28 -29.35
C SER A 91 22.97 12.06 -30.28
N LEU A 92 22.11 12.18 -31.28
CA LEU A 92 21.88 11.09 -32.22
C LEU A 92 22.29 11.54 -33.62
N SER A 93 23.16 10.76 -34.26
CA SER A 93 23.76 11.12 -35.55
C SER A 93 23.04 10.46 -36.72
N SER A 94 22.82 11.23 -37.78
CA SER A 94 22.42 10.67 -39.06
C SER A 94 23.44 11.00 -40.14
N LYS A 95 23.83 10.00 -40.92
CA LYS A 95 24.69 10.22 -42.08
C LYS A 95 23.93 9.86 -43.35
N GLU A 96 22.61 9.79 -43.24
CA GLU A 96 21.73 9.45 -44.36
C GLU A 96 21.48 10.65 -45.25
N LYS A 97 22.54 11.14 -45.88
CA LYS A 97 22.46 12.35 -46.70
C LYS A 97 21.44 12.25 -47.84
N GLU A 98 21.33 11.07 -48.44
CA GLU A 98 20.41 10.89 -49.56
C GLU A 98 18.95 10.75 -49.11
N LYS A 99 18.75 10.62 -47.80
CA LYS A 99 17.40 10.52 -47.24
C LYS A 99 17.13 11.69 -46.28
N GLN A 100 17.62 12.87 -46.63
CA GLN A 100 17.39 14.08 -45.85
C GLN A 100 17.79 13.93 -44.38
N PHE A 101 18.90 13.23 -44.16
CA PHE A 101 19.44 12.99 -42.82
C PHE A 101 18.39 12.42 -41.88
N SER A 102 17.70 11.43 -42.40
CA SER A 102 16.64 10.74 -41.68
CA SER A 102 16.62 10.76 -41.67
C SER A 102 17.12 10.19 -40.35
N LEU A 103 16.30 10.36 -39.32
CA LEU A 103 16.61 9.82 -38.00
C LEU A 103 15.34 9.22 -37.40
N PRO A 104 15.34 7.90 -37.20
CA PRO A 104 14.23 7.26 -36.50
C PRO A 104 14.17 7.76 -35.06
N PHE A 105 12.98 8.11 -34.60
CA PHE A 105 12.79 8.56 -33.23
C PHE A 105 11.75 7.69 -32.57
N ASP A 106 12.06 7.16 -31.40
CA ASP A 106 11.10 6.34 -30.67
C ASP A 106 11.17 6.69 -29.19
N THR A 107 10.00 6.83 -28.56
CA THR A 107 9.98 7.13 -27.13
C THR A 107 10.65 6.02 -26.31
N LYS A 108 10.75 4.84 -26.89
CA LYS A 108 11.49 3.73 -26.28
C LYS A 108 12.95 4.12 -26.01
N GLU A 109 13.47 5.05 -26.81
CA GLU A 109 14.86 5.51 -26.65
C GLU A 109 15.00 6.49 -25.49
N PHE A 110 13.87 6.85 -24.89
CA PHE A 110 13.86 7.77 -23.75
C PHE A 110 13.04 7.19 -22.61
N GLU A 111 13.34 5.93 -22.29
CA GLU A 111 12.73 5.23 -21.17
C GLU A 111 11.22 5.08 -21.27
N GLY A 112 10.68 5.19 -22.50
CA GLY A 112 9.24 5.10 -22.71
C GLY A 112 8.50 6.36 -22.32
N LYS A 113 9.24 7.41 -22.01
CA LYS A 113 8.66 8.67 -21.55
C LYS A 113 8.08 9.47 -22.70
N ARG A 114 7.10 10.32 -22.38
CA ARG A 114 6.40 11.11 -23.38
C ARG A 114 6.50 12.60 -23.07
N GLY A 115 5.69 13.41 -23.73
CA GLY A 115 5.79 14.85 -23.56
C GLY A 115 6.59 15.54 -24.64
N GLU A 116 7.03 16.76 -24.33
CA GLU A 116 7.80 17.57 -25.28
C GLU A 116 9.29 17.19 -25.27
N PHE A 117 9.81 16.96 -26.47
CA PHE A 117 11.23 16.72 -26.66
C PHE A 117 11.79 17.87 -27.47
N GLN A 118 12.85 18.52 -26.97
CA GLN A 118 13.54 19.55 -27.73
C GLN A 118 14.61 18.95 -28.63
N ILE A 119 14.82 19.55 -29.79
CA ILE A 119 15.76 19.07 -30.79
C ILE A 119 16.64 20.22 -31.26
N GLU A 120 17.95 20.07 -31.12
CA GLU A 120 18.91 21.03 -31.68
C GLU A 120 19.77 20.30 -32.68
N ALA A 121 19.78 20.78 -33.92
CA ALA A 121 20.55 20.13 -34.96
C ALA A 121 21.79 20.92 -35.34
N ILE A 122 22.90 20.22 -35.49
CA ILE A 122 24.12 20.80 -36.05
C ILE A 122 24.57 19.95 -37.21
N GLY A 123 25.31 20.54 -38.14
CA GLY A 123 25.83 19.80 -39.26
C GLY A 123 27.33 19.61 -39.12
N ILE A 124 27.85 18.53 -39.72
CA ILE A 124 29.28 18.28 -39.74
C ILE A 124 29.75 18.23 -41.18
N LYS A 125 30.79 19.02 -41.52
CA LYS A 125 31.39 18.99 -42.85
C LYS A 125 32.37 17.83 -42.96
N GLU A 126 32.83 17.56 -44.18
CA GLU A 126 33.78 16.48 -44.43
C GLU A 126 35.07 16.64 -43.61
N ASP A 127 35.53 17.88 -43.45
CA ASP A 127 36.74 18.11 -42.64
C ASP A 127 36.47 18.18 -41.14
N GLY A 128 35.21 18.00 -40.73
CA GLY A 128 34.88 17.94 -39.32
C GLY A 128 34.30 19.22 -38.73
N LYS A 129 34.32 20.29 -39.52
CA LYS A 129 33.79 21.58 -39.06
C LYS A 129 32.32 21.45 -38.67
N THR A 130 31.95 22.00 -37.51
CA THR A 130 30.55 21.98 -37.10
C THR A 130 29.83 23.23 -37.57
N ILE A 131 28.57 23.06 -37.93
CA ILE A 131 27.75 24.14 -38.49
C ILE A 131 26.43 24.18 -37.75
N PRO A 132 26.12 25.33 -37.12
CA PRO A 132 24.81 25.45 -36.46
C PRO A 132 23.69 25.38 -37.50
N LEU A 133 22.66 24.61 -37.22
CA LEU A 133 21.53 24.54 -38.14
C LEU A 133 20.31 25.20 -37.51
N THR A 134 19.49 24.43 -36.81
CA THR A 134 18.24 24.98 -36.29
C THR A 134 17.73 24.17 -35.10
N LYS A 135 16.67 24.65 -34.48
CA LYS A 135 16.08 24.00 -33.31
C LYS A 135 14.60 23.80 -33.56
N SER A 136 14.05 22.76 -32.93
CA SER A 136 12.61 22.53 -32.99
C SER A 136 12.22 21.68 -31.78
N ALA A 137 11.01 21.13 -31.84
CA ALA A 137 10.52 20.27 -30.80
C ALA A 137 9.49 19.31 -31.38
N ILE A 138 9.29 18.20 -30.70
CA ILE A 138 8.24 17.26 -31.03
C ILE A 138 7.54 16.85 -29.74
N THR A 139 6.22 16.76 -29.78
CA THR A 139 5.47 16.45 -28.57
C THR A 139 4.64 15.18 -28.73
N PHE A 140 4.93 14.20 -27.88
CA PHE A 140 4.11 13.01 -27.75
C PHE A 140 3.18 13.22 -26.57
N GLU A 141 1.91 13.49 -26.86
CA GLU A 141 0.94 13.93 -25.85
C GLU A 141 0.90 13.05 -24.62
N GLN A 142 1.01 13.68 -23.45
CA GLN A 142 0.89 12.97 -22.19
C GLN A 142 -0.53 12.95 -21.67
N LYS A 143 -0.90 11.84 -21.05
CA LYS A 143 -2.19 11.76 -20.39
CA LYS A 143 -2.19 11.75 -20.37
C LYS A 143 -2.13 12.59 -19.11
N VAL A 144 -3.27 13.16 -18.73
CA VAL A 144 -3.35 14.04 -17.58
C VAL A 144 -4.55 13.62 -16.73
N PRO A 145 -4.30 12.90 -15.63
CA PRO A 145 -5.42 12.62 -14.72
C PRO A 145 -5.83 13.88 -13.99
N VAL A 146 -7.15 14.08 -13.91
CA VAL A 146 -7.73 15.21 -13.21
C VAL A 146 -8.57 14.64 -12.08
N LEU A 147 -8.02 14.67 -10.87
CA LEU A 147 -8.69 14.08 -9.70
C LEU A 147 -9.84 14.93 -9.22
N MET A 148 -10.92 14.27 -8.80
CA MET A 148 -12.09 14.95 -8.26
C MET A 148 -12.35 14.53 -6.81
N TYR A 149 -12.15 15.48 -5.90
CA TYR A 149 -12.52 15.33 -4.50
C TYR A 149 -13.71 16.21 -4.16
N HIS A 150 -14.39 15.89 -3.07
CA HIS A 150 -15.45 16.73 -2.52
C HIS A 150 -15.12 17.14 -1.10
N ALA A 151 -15.64 16.39 -0.11
CA ALA A 151 -15.36 16.70 1.28
C ALA A 151 -14.06 16.04 1.73
N ILE A 152 -13.24 16.78 2.46
CA ILE A 152 -12.07 16.20 3.14
C ILE A 152 -12.33 16.32 4.63
N ASP A 153 -12.90 15.28 5.21
CA ASP A 153 -13.29 15.33 6.61
C ASP A 153 -13.52 13.91 7.08
N ASP A 154 -13.48 13.71 8.39
CA ASP A 154 -13.83 12.43 9.01
C ASP A 154 -15.33 12.34 9.02
N TYR A 155 -15.88 11.32 8.36
CA TYR A 155 -17.32 11.19 8.23
C TYR A 155 -17.95 10.75 9.55
N HIS A 156 -19.00 11.44 9.97
CA HIS A 156 -19.66 11.18 11.25
CA HIS A 156 -19.66 11.12 11.23
C HIS A 156 -21.16 10.94 11.07
N GLY A 157 -21.57 10.53 9.88
CA GLY A 157 -22.98 10.21 9.65
C GLY A 157 -23.78 11.32 9.02
N GLN A 158 -23.16 12.48 8.84
CA GLN A 158 -23.82 13.62 8.25
C GLN A 158 -23.31 13.80 6.82
N GLY A 159 -24.22 13.91 5.87
CA GLY A 159 -23.84 14.10 4.48
C GLY A 159 -23.77 12.80 3.70
N ILE A 160 -23.30 12.89 2.45
CA ILE A 160 -23.22 11.73 1.57
C ILE A 160 -21.85 11.06 1.74
N LYS A 161 -21.87 9.88 2.35
CA LYS A 161 -20.65 9.18 2.76
C LYS A 161 -19.58 9.06 1.68
N ASP A 162 -19.99 8.66 0.48
CA ASP A 162 -19.05 8.45 -0.62
C ASP A 162 -18.22 9.68 -0.95
N LEU A 163 -18.79 10.86 -0.67
CA LEU A 163 -18.14 12.12 -1.00
C LEU A 163 -17.17 12.61 0.06
N PHE A 164 -16.97 11.82 1.12
CA PHE A 164 -16.01 12.15 2.16
C PHE A 164 -14.73 11.34 2.07
N VAL A 165 -13.60 12.00 1.93
CA VAL A 165 -12.30 11.35 2.08
C VAL A 165 -11.67 11.89 3.36
N SER A 166 -11.23 11.01 4.26
CA SER A 166 -10.70 11.49 5.53
C SER A 166 -9.41 12.26 5.31
N PRO A 167 -9.11 13.21 6.21
CA PRO A 167 -7.83 13.92 6.09
C PRO A 167 -6.63 12.97 6.08
N ALA A 168 -6.69 11.90 6.87
CA ALA A 168 -5.60 10.91 6.87
C ALA A 168 -5.44 10.23 5.51
N ASN A 169 -6.53 9.78 4.92
CA ASN A 169 -6.44 9.15 3.60
C ASN A 169 -6.06 10.15 2.50
N PHE A 170 -6.56 11.37 2.60
CA PHE A 170 -6.16 12.42 1.65
C PHE A 170 -4.66 12.64 1.74
N GLU A 171 -4.12 12.73 2.94
CA GLU A 171 -2.68 12.91 3.11
C GLU A 171 -1.91 11.75 2.50
N ALA A 172 -2.41 10.52 2.67
CA ALA A 172 -1.71 9.35 2.15
C ALA A 172 -1.69 9.39 0.63
N GLN A 173 -2.78 9.86 0.03
CA GLN A 173 -2.89 9.98 -1.42
C GLN A 173 -1.94 11.06 -1.96
N MET A 174 -1.92 12.21 -1.29
CA MET A 174 -1.01 13.27 -1.69
C MET A 174 0.46 12.85 -1.47
N LYS A 175 0.71 12.09 -0.42
CA LYS A 175 2.07 11.62 -0.16
C LYS A 175 2.50 10.67 -1.28
N TYR A 176 1.55 9.90 -1.80
CA TYR A 176 1.86 9.04 -2.95
C TYR A 176 2.32 9.89 -4.13
N LEU A 177 1.62 10.99 -4.40
CA LEU A 177 2.03 11.88 -5.48
C LEU A 177 3.45 12.43 -5.23
N LYS A 178 3.69 12.84 -3.99
CA LYS A 178 4.99 13.41 -3.60
C LYS A 178 6.10 12.40 -3.77
N ASP A 179 5.86 11.17 -3.35
CA ASP A 179 6.88 10.12 -3.39
C ASP A 179 7.13 9.53 -4.78
N ASN A 180 6.25 9.80 -5.72
CA ASN A 180 6.34 9.16 -7.04
C ASN A 180 6.56 10.13 -8.18
N GLY A 181 6.96 11.35 -7.84
CA GLY A 181 7.43 12.29 -8.84
C GLY A 181 6.37 12.93 -9.71
N TYR A 182 5.14 12.98 -9.22
CA TYR A 182 4.08 13.67 -9.94
C TYR A 182 4.28 15.19 -9.86
N THR A 183 3.86 15.89 -10.91
CA THR A 183 3.89 17.34 -10.90
C THR A 183 2.46 17.86 -10.83
N LEU A 184 2.11 18.42 -9.68
CA LEU A 184 0.76 18.96 -9.50
C LEU A 184 0.64 20.28 -10.24
N LEU A 185 -0.45 20.43 -11.00
CA LEU A 185 -0.69 21.61 -11.81
C LEU A 185 -2.08 22.17 -11.57
N THR A 186 -2.25 23.43 -11.97
CA THR A 186 -3.57 24.06 -12.05
C THR A 186 -3.71 24.61 -13.46
N PHE A 187 -4.88 25.12 -13.83
CA PHE A 187 -5.13 25.46 -15.24
C PHE A 187 -4.32 26.66 -15.75
N GLU A 188 -3.78 27.46 -14.83
CA GLU A 188 -2.85 28.52 -15.23
C GLU A 188 -1.59 27.96 -15.89
N ARG A 189 -1.31 26.68 -15.66
CA ARG A 189 -0.15 26.03 -16.27
C ARG A 189 -0.57 24.95 -17.24
N TRP A 190 -1.73 25.10 -17.87
CA TRP A 190 -2.17 24.13 -18.86
C TRP A 190 -1.12 23.94 -19.96
N GLY A 191 -0.47 25.04 -20.33
CA GLY A 191 0.55 25.01 -21.36
C GLY A 191 1.79 24.20 -20.99
N ASP A 192 1.86 23.72 -19.75
CA ASP A 192 3.03 22.99 -19.28
C ASP A 192 2.81 21.48 -19.13
N ILE A 193 1.64 20.99 -19.52
CA ILE A 193 1.34 19.56 -19.29
C ILE A 193 2.34 18.60 -19.96
N ASN A 194 2.93 19.01 -21.07
CA ASN A 194 3.92 18.18 -21.75
C ASN A 194 5.36 18.57 -21.41
N LYS A 195 5.51 19.56 -20.54
CA LYS A 195 6.82 20.09 -20.17
C LYS A 195 7.26 19.62 -18.78
N VAL A 196 6.42 18.84 -18.11
CA VAL A 196 6.70 18.34 -16.77
C VAL A 196 6.50 16.84 -16.69
N ASN A 197 7.11 16.23 -15.70
CA ASN A 197 6.97 14.80 -15.46
CA ASN A 197 6.95 14.80 -15.50
C ASN A 197 5.66 14.50 -14.75
N LYS A 198 4.95 13.48 -15.23
CA LYS A 198 3.73 13.00 -14.56
C LYS A 198 2.78 14.12 -14.12
N PRO A 199 2.29 14.90 -15.08
CA PRO A 199 1.34 15.97 -14.75
C PRO A 199 0.06 15.41 -14.14
N ILE A 200 -0.49 16.12 -13.16
CA ILE A 200 -1.75 15.72 -12.54
C ILE A 200 -2.43 16.95 -11.97
N PHE A 201 -3.77 16.96 -12.03
CA PHE A 201 -4.56 18.06 -11.49
C PHE A 201 -5.39 17.56 -10.32
N VAL A 202 -5.12 18.09 -9.13
CA VAL A 202 -5.95 17.81 -7.98
C VAL A 202 -7.06 18.87 -7.94
N THR A 203 -8.31 18.43 -7.96
CA THR A 203 -9.44 19.36 -7.90
C THR A 203 -10.44 18.99 -6.82
N PHE A 204 -11.13 20.01 -6.30
CA PHE A 204 -12.14 19.88 -5.27
C PHE A 204 -13.39 20.57 -5.73
N ASP A 205 -14.53 19.93 -5.51
CA ASP A 205 -15.82 20.51 -5.88
C ASP A 205 -16.59 21.02 -4.69
N ASP A 206 -17.01 22.27 -4.79
CA ASP A 206 -18.09 22.95 -4.04
C ASP A 206 -17.64 24.10 -3.13
N GLY A 207 -16.43 24.02 -2.58
CA GLY A 207 -15.97 25.02 -1.65
C GLY A 207 -16.45 24.79 -0.24
N MET A 208 -16.52 23.53 0.18
CA MET A 208 -16.83 23.21 1.56
C MET A 208 -15.74 23.73 2.50
N LYS A 209 -16.17 24.16 3.68
CA LYS A 209 -15.25 24.65 4.70
C LYS A 209 -14.19 23.60 5.02
N ASN A 210 -14.58 22.33 5.01
CA ASN A 210 -13.64 21.26 5.33
C ASN A 210 -12.47 21.17 4.36
N ASN A 211 -12.57 21.83 3.21
CA ASN A 211 -11.43 21.83 2.29
C ASN A 211 -10.22 22.57 2.87
N MET A 212 -10.43 23.34 3.94
CA MET A 212 -9.29 23.87 4.69
C MET A 212 -8.41 22.74 5.25
N ASN A 213 -9.00 21.57 5.50
CA ASN A 213 -8.20 20.41 5.89
C ASN A 213 -7.24 19.97 4.79
N ALA A 214 -7.73 19.98 3.55
CA ALA A 214 -6.88 19.65 2.40
C ALA A 214 -5.76 20.67 2.26
N PHE A 215 -6.11 21.96 2.40
CA PHE A 215 -5.13 23.03 2.39
C PHE A 215 -4.02 22.79 3.40
N HIS A 216 -4.39 22.50 4.64
CA HIS A 216 -3.40 22.25 5.69
C HIS A 216 -2.53 21.03 5.40
N VAL A 217 -3.10 19.99 4.82
CA VAL A 217 -2.33 18.80 4.46
C VAL A 217 -1.32 19.16 3.38
N LEU A 218 -1.76 19.92 2.38
CA LEU A 218 -0.85 20.35 1.33
C LEU A 218 0.28 21.25 1.83
N GLN A 219 -0.03 22.14 2.79
CA GLN A 219 1.00 22.97 3.42
C GLN A 219 2.03 22.11 4.14
N LYS A 220 1.56 21.06 4.80
CA LYS A 220 2.44 20.16 5.53
C LYS A 220 3.39 19.44 4.58
N LEU A 221 2.86 18.91 3.49
CA LEU A 221 3.65 18.10 2.56
C LEU A 221 4.59 18.95 1.72
N LYS A 222 4.23 20.22 1.55
CA LYS A 222 5.06 21.15 0.79
C LYS A 222 6.44 21.28 1.42
N ASP A 223 7.47 21.18 0.58
CA ASP A 223 8.85 21.39 1.03
C ASP A 223 9.74 21.82 -0.14
N ASP A 224 11.06 21.71 0.02
CA ASP A 224 11.98 22.17 -1.01
C ASP A 224 11.83 21.47 -2.36
N THR A 225 11.31 20.25 -2.34
CA THR A 225 11.13 19.49 -3.57
C THR A 225 9.68 19.46 -4.05
N PHE A 226 8.75 19.27 -3.12
CA PHE A 226 7.34 19.11 -3.45
C PHE A 226 6.60 20.45 -3.37
N LYS A 227 6.10 20.92 -4.52
CA LYS A 227 5.39 22.19 -4.61
C LYS A 227 3.94 21.95 -5.01
N PRO A 228 3.09 21.61 -4.03
CA PRO A 228 1.72 21.23 -4.39
C PRO A 228 0.87 22.42 -4.76
N VAL A 229 -0.02 22.20 -5.72
CA VAL A 229 -1.09 23.14 -6.04
C VAL A 229 -2.37 22.36 -6.28
N ALA A 230 -3.50 23.05 -6.24
CA ALA A 230 -4.79 22.40 -6.48
C ALA A 230 -5.82 23.42 -6.91
N THR A 231 -6.91 22.93 -7.49
CA THR A 231 -8.01 23.77 -7.94
C THR A 231 -9.23 23.55 -7.05
N GLU A 232 -9.84 24.64 -6.60
CA GLU A 232 -11.09 24.58 -5.85
C GLU A 232 -12.16 25.16 -6.75
N TYR A 233 -13.20 24.39 -7.02
CA TYR A 233 -14.33 24.91 -7.78
C TYR A 233 -15.41 25.35 -6.80
N MET A 234 -15.53 26.67 -6.63
CA MET A 234 -16.37 27.25 -5.59
C MET A 234 -17.79 27.51 -6.07
N ILE A 235 -18.78 27.06 -5.31
CA ILE A 235 -20.15 27.51 -5.54
C ILE A 235 -20.18 28.96 -5.08
N VAL A 236 -20.23 29.89 -6.02
CA VAL A 236 -19.84 31.26 -5.70
C VAL A 236 -20.79 31.94 -4.70
N ASN A 237 -22.08 31.64 -4.78
CA ASN A 237 -23.01 32.24 -3.83
C ASN A 237 -22.84 31.75 -2.40
N ASN A 238 -22.05 30.70 -2.22
CA ASN A 238 -21.81 30.13 -0.90
C ASN A 238 -20.60 30.70 -0.17
N VAL A 239 -19.86 31.62 -0.80
CA VAL A 239 -18.75 32.23 -0.08
C VAL A 239 -19.29 32.89 1.19
N ASP A 240 -18.66 32.57 2.32
CA ASP A 240 -19.08 33.04 3.65
C ASP A 240 -20.37 32.42 4.21
N ALA A 241 -20.93 31.45 3.48
CA ALA A 241 -22.08 30.73 4.00
C ALA A 241 -21.64 29.69 5.02
N GLU A 242 -22.53 29.39 5.96
CA GLU A 242 -22.30 28.31 6.92
C GLU A 242 -21.97 27.02 6.19
N GLY A 243 -20.86 26.39 6.56
CA GLY A 243 -20.42 25.15 5.94
C GLY A 243 -19.49 25.30 4.75
N SER A 244 -19.30 26.54 4.28
CA SER A 244 -18.48 26.79 3.10
C SER A 244 -17.25 27.62 3.46
N LEU A 245 -16.31 27.69 2.53
CA LEU A 245 -15.15 28.57 2.68
C LEU A 245 -15.56 30.02 2.87
N SER A 246 -14.87 30.70 3.77
CA SER A 246 -15.07 32.13 3.98
C SER A 246 -14.19 32.92 3.04
N THR A 247 -14.42 34.23 2.99
CA THR A 247 -13.57 35.11 2.22
C THR A 247 -12.13 35.01 2.73
N SER A 248 -11.96 35.00 4.04
CA SER A 248 -10.64 34.87 4.65
CA SER A 248 -10.62 34.88 4.62
C SER A 248 -9.97 33.54 4.30
N ASP A 249 -10.76 32.46 4.29
CA ASP A 249 -10.23 31.13 3.92
C ASP A 249 -9.71 31.16 2.50
N ILE A 250 -10.51 31.70 1.59
CA ILE A 250 -10.12 31.77 0.19
C ILE A 250 -8.85 32.60 0.00
N LYS A 251 -8.77 33.72 0.70
CA LYS A 251 -7.60 34.56 0.58
C LYS A 251 -6.34 33.84 1.08
N GLU A 252 -6.48 33.09 2.17
CA GLU A 252 -5.36 32.31 2.69
C GLU A 252 -4.92 31.24 1.67
N MET A 253 -5.91 30.57 1.09
CA MET A 253 -5.63 29.50 0.13
C MET A 253 -4.95 30.04 -1.12
N VAL A 254 -5.45 31.17 -1.62
CA VAL A 254 -4.87 31.78 -2.81
C VAL A 254 -3.51 32.42 -2.52
N ASP A 255 -3.41 33.17 -1.42
CA ASP A 255 -2.16 33.88 -1.12
C ASP A 255 -0.98 32.92 -0.88
N SER A 256 -1.28 31.70 -0.45
CA SER A 256 -0.25 30.70 -0.17
C SER A 256 0.43 30.22 -1.44
N GLY A 257 -0.19 30.48 -2.59
CA GLY A 257 0.30 29.98 -3.86
C GLY A 257 -0.15 28.57 -4.16
N ILE A 258 -0.88 27.95 -3.22
CA ILE A 258 -1.30 26.56 -3.40
C ILE A 258 -2.58 26.45 -4.22
N PHE A 259 -3.58 27.29 -3.94
CA PHE A 259 -4.86 27.12 -4.60
C PHE A 259 -5.13 28.04 -5.77
N SER A 260 -5.72 27.46 -6.80
CA SER A 260 -6.34 28.20 -7.88
C SER A 260 -7.85 28.13 -7.63
N MET A 261 -8.48 29.29 -7.45
CA MET A 261 -9.90 29.33 -7.07
C MET A 261 -10.73 29.57 -8.32
N GLN A 262 -11.51 28.56 -8.69
CA GLN A 262 -12.24 28.59 -9.95
C GLN A 262 -13.73 28.38 -9.67
N SER A 263 -14.53 28.28 -10.72
CA SER A 263 -15.98 28.37 -10.59
C SER A 263 -16.72 27.03 -10.54
N HIS A 264 -17.75 26.94 -9.69
CA HIS A 264 -18.69 25.80 -9.73
C HIS A 264 -20.09 26.34 -9.99
N THR A 265 -20.17 27.44 -10.74
CA THR A 265 -21.40 28.22 -10.98
C THR A 265 -21.84 29.02 -9.75
N ALA A 266 -22.90 29.80 -9.90
CA ALA A 266 -23.38 30.63 -8.81
C ALA A 266 -24.09 29.83 -7.74
N THR A 267 -24.99 28.94 -8.17
CA THR A 267 -25.82 28.20 -7.22
C THR A 267 -25.70 26.68 -7.32
N HIS A 268 -24.72 26.19 -8.08
CA HIS A 268 -24.57 24.75 -8.34
C HIS A 268 -25.75 24.30 -9.21
N ALA A 269 -25.93 25.04 -10.31
CA ALA A 269 -27.08 24.89 -11.18
C ALA A 269 -27.01 23.64 -12.04
N ASP A 270 -28.17 23.03 -12.27
CA ASP A 270 -28.28 21.92 -13.23
C ASP A 270 -28.31 22.57 -14.60
N LEU A 271 -27.14 22.76 -15.20
CA LEU A 271 -27.03 23.64 -16.36
C LEU A 271 -27.94 23.34 -17.57
N PRO A 272 -28.14 22.06 -17.92
CA PRO A 272 -29.04 21.81 -19.05
C PRO A 272 -30.48 22.26 -18.79
N LYS A 273 -30.85 22.48 -17.54
CA LYS A 273 -32.23 22.78 -17.17
C LYS A 273 -32.49 24.24 -16.79
N ILE A 274 -31.47 25.08 -16.87
CA ILE A 274 -31.65 26.49 -16.52
C ILE A 274 -31.62 27.38 -17.75
N THR A 275 -32.05 28.62 -17.60
CA THR A 275 -31.97 29.59 -18.70
C THR A 275 -31.11 30.79 -18.34
N ASN A 276 -30.79 30.96 -17.06
CA ASN A 276 -30.04 32.13 -16.62
C ASN A 276 -28.53 31.92 -16.70
N TYR A 277 -28.05 31.73 -17.92
CA TYR A 277 -26.65 31.40 -18.12
C TYR A 277 -25.72 32.55 -17.73
N GLU A 278 -26.12 33.79 -17.99
CA GLU A 278 -25.26 34.91 -17.60
C GLU A 278 -25.07 34.91 -16.08
N GLU A 279 -26.16 34.75 -15.35
CA GLU A 279 -26.06 34.74 -13.89
C GLU A 279 -25.23 33.57 -13.38
N GLU A 280 -25.46 32.38 -13.91
CA GLU A 280 -24.82 31.17 -13.38
C GLU A 280 -23.37 31.00 -13.81
N LEU A 281 -23.05 31.47 -15.01
CA LEU A 281 -21.73 31.20 -15.60
C LEU A 281 -20.85 32.46 -15.67
N LYS A 282 -21.43 33.55 -16.15
CA LYS A 282 -20.68 34.79 -16.33
C LYS A 282 -20.50 35.56 -15.02
N GLU A 283 -21.61 35.78 -14.31
CA GLU A 283 -21.55 36.63 -13.11
C GLU A 283 -20.88 35.92 -11.93
N SER A 284 -20.95 34.59 -11.91
CA SER A 284 -20.23 33.82 -10.90
C SER A 284 -18.74 34.01 -11.07
N LYS A 285 -18.27 33.89 -12.32
CA LYS A 285 -16.87 34.15 -12.65
C LYS A 285 -16.44 35.54 -12.21
N GLU A 286 -17.25 36.54 -12.56
CA GLU A 286 -16.92 37.93 -12.22
C GLU A 286 -16.86 38.16 -10.71
N LYS A 287 -17.83 37.63 -9.99
CA LYS A 287 -17.87 37.79 -8.54
C LYS A 287 -16.67 37.12 -7.87
N LEU A 288 -16.33 35.92 -8.33
CA LEU A 288 -15.21 35.20 -7.74
C LEU A 288 -13.88 35.92 -7.99
N GLU A 289 -13.71 36.48 -9.18
CA GLU A 289 -12.52 37.25 -9.51
C GLU A 289 -12.32 38.44 -8.58
N LYS A 290 -13.42 39.09 -8.20
CA LYS A 290 -13.33 40.22 -7.28
C LYS A 290 -12.87 39.76 -5.89
N ILE A 291 -13.26 38.55 -5.51
CA ILE A 291 -12.87 38.00 -4.22
C ILE A 291 -11.40 37.58 -4.20
N THR A 292 -10.96 36.89 -5.25
CA THR A 292 -9.61 36.32 -5.27
C THR A 292 -8.55 37.26 -5.78
N GLY A 293 -8.95 38.21 -6.62
CA GLY A 293 -8.00 39.08 -7.28
C GLY A 293 -7.19 38.38 -8.35
N LYS A 294 -7.61 37.17 -8.71
CA LYS A 294 -6.93 36.37 -9.74
C LYS A 294 -7.96 35.96 -10.78
N PRO A 295 -7.50 35.73 -12.03
CA PRO A 295 -8.44 35.35 -13.10
C PRO A 295 -9.14 34.03 -12.83
N VAL A 296 -10.40 33.96 -13.22
CA VAL A 296 -11.17 32.73 -13.20
C VAL A 296 -11.34 32.26 -14.64
N ILE A 297 -10.78 31.09 -14.94
CA ILE A 297 -10.69 30.57 -16.30
C ILE A 297 -11.30 29.18 -16.45
N ALA A 298 -11.72 28.58 -15.33
CA ALA A 298 -12.18 27.20 -15.34
C ALA A 298 -13.46 27.01 -14.54
N VAL A 299 -14.28 26.04 -14.98
CA VAL A 299 -15.52 25.71 -14.29
C VAL A 299 -15.66 24.20 -14.21
N ALA A 300 -16.44 23.72 -13.26
CA ALA A 300 -16.84 22.31 -13.23
C ALA A 300 -18.35 22.26 -13.36
N TYR A 301 -18.86 21.38 -14.21
CA TYR A 301 -20.30 21.27 -14.40
C TYR A 301 -20.97 20.57 -13.22
N PXU A 302 -21.94 21.23 -12.60
CA PXU A 302 -22.61 20.67 -11.54
OA PXU A 302 -21.81 20.30 -10.40
CB PXU A 302 -23.70 21.82 -11.12
CG PXU A 302 -23.08 22.94 -11.33
CD PXU A 302 -22.33 22.71 -12.65
C PXU A 302 -23.27 19.34 -11.93
O PXU A 302 -23.89 19.27 -13.02
N PHE A 303 -23.13 18.32 -11.09
CA PHE A 303 -23.70 16.98 -11.33
C PHE A 303 -23.07 16.26 -12.53
N GLY A 304 -22.07 16.89 -13.14
CA GLY A 304 -21.51 16.39 -14.38
C GLY A 304 -22.48 16.55 -15.55
N HIS A 305 -23.53 17.35 -15.37
CA HIS A 305 -24.56 17.48 -16.41
C HIS A 305 -24.15 18.45 -17.49
N VAL A 306 -24.06 17.96 -18.72
CA VAL A 306 -23.59 18.79 -19.82
C VAL A 306 -24.15 18.29 -21.13
N ASP A 307 -24.42 19.22 -22.04
CA ASP A 307 -24.81 18.88 -23.40
C ASP A 307 -24.21 19.96 -24.32
N ASP A 308 -24.48 19.87 -25.62
CA ASP A 308 -23.87 20.81 -26.56
C ASP A 308 -24.26 22.25 -26.27
N LYS A 309 -25.51 22.46 -25.86
CA LYS A 309 -25.98 23.80 -25.52
C LYS A 309 -25.19 24.37 -24.35
N VAL A 310 -24.98 23.54 -23.31
CA VAL A 310 -24.23 23.97 -22.13
C VAL A 310 -22.78 24.27 -22.49
N VAL A 311 -22.17 23.43 -23.32
CA VAL A 311 -20.79 23.67 -23.76
C VAL A 311 -20.69 25.01 -24.49
N ALA A 312 -21.63 25.27 -25.38
CA ALA A 312 -21.60 26.53 -26.13
C ALA A 312 -21.75 27.75 -25.23
N GLU A 313 -22.59 27.65 -24.19
CA GLU A 313 -22.74 28.75 -23.25
C GLU A 313 -21.47 28.92 -22.42
N THR A 314 -20.94 27.79 -21.96
CA THR A 314 -19.75 27.79 -21.13
C THR A 314 -18.55 28.39 -21.88
N LYS A 315 -18.47 28.12 -23.18
CA LYS A 315 -17.37 28.56 -24.03
C LYS A 315 -17.27 30.08 -24.06
N LYS A 316 -18.38 30.75 -23.83
CA LYS A 316 -18.40 32.21 -23.83
C LYS A 316 -17.56 32.81 -22.69
N TYR A 317 -17.40 32.04 -21.62
CA TYR A 317 -16.89 32.59 -20.36
C TYR A 317 -15.68 31.88 -19.78
N TYR A 318 -15.50 30.61 -20.12
CA TYR A 318 -14.44 29.78 -19.53
C TYR A 318 -13.59 29.13 -20.59
N GLN A 319 -12.30 28.96 -20.31
CA GLN A 319 -11.40 28.24 -21.20
C GLN A 319 -11.43 26.74 -20.92
N PHE A 320 -11.78 26.35 -19.70
CA PHE A 320 -11.70 24.94 -19.27
C PHE A 320 -12.97 24.57 -18.53
N ALA A 321 -13.47 23.36 -18.78
CA ALA A 321 -14.62 22.85 -18.05
C ALA A 321 -14.47 21.36 -17.85
N THR A 322 -14.68 20.91 -16.62
CA THR A 322 -14.57 19.50 -16.28
C THR A 322 -15.92 18.85 -16.04
N THR A 323 -16.02 17.58 -16.45
CA THR A 323 -17.23 16.79 -16.30
C THR A 323 -17.01 15.76 -15.19
N THR A 324 -17.95 14.83 -15.04
CA THR A 324 -17.70 13.69 -14.15
C THR A 324 -17.56 12.39 -14.92
N LYS A 325 -17.37 12.47 -16.23
CA LYS A 325 -17.12 11.27 -17.01
C LYS A 325 -15.79 10.68 -16.57
N PRO A 326 -15.74 9.37 -16.31
CA PRO A 326 -14.51 8.80 -15.76
C PRO A 326 -13.39 8.63 -16.78
N GLY A 327 -12.16 8.84 -16.34
CA GLY A 327 -11.02 8.64 -17.21
C GLY A 327 -9.98 9.73 -17.07
N LYS A 328 -8.88 9.58 -17.81
CA LYS A 328 -7.83 10.58 -17.87
C LYS A 328 -7.98 11.41 -19.12
N PHE A 329 -7.67 12.69 -19.03
CA PHE A 329 -7.64 13.53 -20.22
C PHE A 329 -6.39 13.27 -21.07
N ILE A 330 -6.54 13.33 -22.39
CA ILE A 330 -5.39 13.47 -23.28
C ILE A 330 -5.79 14.41 -24.41
N THR A 331 -4.82 15.18 -24.88
CA THR A 331 -5.05 16.15 -25.95
C THR A 331 -5.21 15.44 -27.29
N LYS A 332 -6.42 15.49 -27.83
CA LYS A 332 -6.70 14.85 -29.12
C LYS A 332 -6.96 15.86 -30.22
N GLY A 333 -7.11 17.13 -29.85
CA GLY A 333 -7.43 18.18 -30.80
C GLY A 333 -8.88 18.12 -31.25
N GLU A 334 -9.72 17.46 -30.46
CA GLU A 334 -11.14 17.36 -30.78
C GLU A 334 -11.86 18.66 -30.40
N PRO A 335 -12.95 18.98 -31.12
CA PRO A 335 -13.68 20.23 -30.89
C PRO A 335 -14.12 20.44 -29.44
N ASP A 336 -13.75 21.60 -28.89
CA ASP A 336 -14.10 21.96 -27.52
C ASP A 336 -13.71 20.93 -26.45
N GLU A 337 -12.65 20.17 -26.69
CA GLU A 337 -12.30 19.09 -25.77
C GLU A 337 -11.94 19.60 -24.38
N LEU A 338 -11.44 20.83 -24.28
CA LEU A 338 -11.05 21.36 -22.98
C LEU A 338 -12.25 21.76 -22.14
N LEU A 339 -13.43 21.80 -22.77
CA LEU A 339 -14.69 22.10 -22.10
C LEU A 339 -15.47 20.83 -21.80
N LYS A 340 -14.84 19.67 -22.01
CA LYS A 340 -15.47 18.38 -21.81
C LYS A 340 -14.52 17.41 -21.14
N MET A 341 -13.75 17.93 -20.19
CA MET A 341 -12.62 17.19 -19.61
CA MET A 341 -12.63 17.18 -19.61
C MET A 341 -13.05 16.13 -18.59
N LYS A 342 -12.64 14.89 -18.84
CA LYS A 342 -12.92 13.78 -17.93
C LYS A 342 -12.19 13.96 -16.60
N ARG A 343 -12.72 13.32 -15.56
CA ARG A 343 -12.07 13.32 -14.26
C ARG A 343 -12.04 11.95 -13.61
N VAL A 344 -11.09 11.77 -12.70
CA VAL A 344 -10.97 10.54 -11.92
C VAL A 344 -11.59 10.78 -10.54
N ARG A 345 -12.68 10.06 -10.26
CA ARG A 345 -13.40 10.22 -8.99
C ARG A 345 -12.69 9.48 -7.86
N ILE A 346 -12.41 10.18 -6.77
CA ILE A 346 -11.92 9.52 -5.56
C ILE A 346 -13.08 9.29 -4.59
N HIS A 347 -13.16 8.08 -4.04
CA HIS A 347 -14.27 7.69 -3.17
C HIS A 347 -13.85 7.61 -1.71
N HIS A 348 -14.84 7.66 -0.83
CA HIS A 348 -14.62 7.42 0.60
C HIS A 348 -13.80 6.16 0.85
N THR A 349 -14.06 5.12 0.06
CA THR A 349 -13.43 3.82 0.25
C THR A 349 -12.11 3.62 -0.51
N THR A 350 -11.72 4.59 -1.31
CA THR A 350 -10.52 4.46 -2.15
C THR A 350 -9.26 4.27 -1.31
N THR A 351 -8.51 3.22 -1.60
CA THR A 351 -7.23 2.96 -0.95
C THR A 351 -6.12 3.64 -1.73
N VAL A 352 -4.91 3.67 -1.19
CA VAL A 352 -3.80 4.26 -1.92
C VAL A 352 -3.49 3.44 -3.17
N GLU A 353 -3.64 2.12 -3.07
CA GLU A 353 -3.43 1.24 -4.22
C GLU A 353 -4.44 1.54 -5.34
N GLN A 354 -5.71 1.71 -4.97
CA GLN A 354 -6.73 2.03 -5.96
C GLN A 354 -6.49 3.41 -6.57
N PHE A 355 -6.09 4.35 -5.71
CA PHE A 355 -5.73 5.70 -6.13
C PHE A 355 -4.61 5.63 -7.18
N ALA A 356 -3.54 4.93 -6.84
CA ALA A 356 -2.40 4.76 -7.74
C ALA A 356 -2.80 4.14 -9.08
N SER A 357 -3.60 3.09 -9.05
CA SER A 357 -4.02 2.43 -10.28
C SER A 357 -4.81 3.35 -11.20
N SER A 358 -5.56 4.27 -10.60
CA SER A 358 -6.48 5.14 -11.34
C SER A 358 -5.76 6.31 -12.00
N ILE A 359 -4.52 6.59 -11.58
CA ILE A 359 -3.78 7.72 -12.15
C ILE A 359 -2.52 7.36 -12.94
N LYS A 360 -1.96 6.17 -12.70
CA LYS A 360 -0.64 5.84 -13.24
C LYS A 360 -0.69 5.50 -14.73
N GLU B 45 -8.59 -42.60 39.53
CA GLU B 45 -7.79 -41.43 39.87
C GLU B 45 -7.82 -41.16 41.36
N GLN B 46 -6.67 -40.77 41.92
CA GLN B 46 -6.55 -40.59 43.36
C GLN B 46 -5.92 -39.24 43.74
N GLY B 47 -4.59 -39.21 43.78
CA GLY B 47 -3.86 -38.05 44.26
C GLY B 47 -3.85 -36.85 43.34
N LYS B 48 -3.03 -35.87 43.67
CA LYS B 48 -2.93 -34.64 42.90
C LYS B 48 -1.47 -34.26 42.62
N ILE B 49 -1.18 -33.96 41.36
CA ILE B 49 0.15 -33.53 40.96
C ILE B 49 0.27 -32.01 41.08
N SER B 50 1.30 -31.55 41.78
CA SER B 50 1.59 -30.12 41.86
CA SER B 50 1.59 -30.11 41.83
C SER B 50 3.05 -29.86 41.54
N TYR B 51 3.40 -28.58 41.34
CA TYR B 51 4.79 -28.21 41.11
C TYR B 51 4.99 -26.77 41.51
N ASN B 52 6.24 -26.41 41.82
CA ASN B 52 6.56 -25.02 42.15
C ASN B 52 6.24 -24.15 40.94
N PRO B 53 5.53 -23.04 41.16
CA PRO B 53 5.16 -22.23 40.00
C PRO B 53 6.38 -21.67 39.26
N ILE B 54 6.20 -21.41 37.98
CA ILE B 54 7.27 -20.97 37.11
C ILE B 54 6.90 -19.71 36.36
N THR B 55 7.89 -19.05 35.77
CA THR B 55 7.64 -17.95 34.85
C THR B 55 7.97 -18.39 33.44
N HIS B 56 7.70 -17.51 32.47
CA HIS B 56 8.06 -17.79 31.09
C HIS B 56 9.56 -17.98 30.86
N GLU B 57 10.39 -17.59 31.84
CA GLU B 57 11.84 -17.72 31.73
C GLU B 57 12.39 -18.96 32.43
N SER B 58 11.56 -19.62 33.23
CA SER B 58 12.00 -20.77 34.02
C SER B 58 12.51 -21.92 33.16
N THR B 59 13.44 -22.68 33.72
CA THR B 59 13.93 -23.89 33.06
C THR B 59 13.81 -25.10 33.96
N ASN B 60 13.38 -24.90 35.20
CA ASN B 60 13.27 -26.00 36.14
C ASN B 60 12.16 -25.76 37.16
N THR B 61 11.79 -26.84 37.84
CA THR B 61 10.88 -26.77 38.97
C THR B 61 10.97 -28.09 39.76
N THR B 62 10.11 -28.25 40.74
CA THR B 62 10.03 -29.50 41.47
C THR B 62 8.59 -29.99 41.49
N ILE B 63 8.40 -31.26 41.12
CA ILE B 63 7.07 -31.85 41.07
C ILE B 63 6.80 -32.60 42.38
N HIS B 64 5.58 -32.47 42.90
CA HIS B 64 5.17 -33.19 44.11
C HIS B 64 3.86 -33.92 43.89
N MET B 65 3.57 -34.87 44.78
CA MET B 65 2.32 -35.61 44.73
C MET B 65 1.60 -35.52 46.07
N THR B 66 0.35 -35.06 46.05
CA THR B 66 -0.43 -34.94 47.29
C THR B 66 -1.78 -35.66 47.17
N ASP B 67 -2.58 -35.56 48.23
CA ASP B 67 -3.92 -36.16 48.28
C ASP B 67 -3.94 -37.65 47.95
N ILE B 68 -2.90 -38.36 48.37
CA ILE B 68 -2.85 -39.81 48.18
C ILE B 68 -3.50 -40.49 49.37
N LYS B 69 -4.43 -41.42 49.10
CA LYS B 69 -5.12 -42.13 50.16
C LYS B 69 -4.47 -43.49 50.44
N ASP B 70 -3.78 -44.02 49.44
CA ASP B 70 -3.06 -45.29 49.58
C ASP B 70 -1.68 -45.08 50.21
N THR B 71 -1.13 -46.15 50.76
CA THR B 71 0.22 -46.11 51.33
C THR B 71 1.21 -46.62 50.28
N LEU B 72 1.86 -45.68 49.59
CA LEU B 72 2.77 -46.06 48.51
C LEU B 72 4.21 -46.13 48.98
N THR B 73 5.01 -46.91 48.25
CA THR B 73 6.44 -47.00 48.51
C THR B 73 7.21 -46.05 47.57
N GLU B 74 6.63 -45.77 46.41
CA GLU B 74 7.22 -44.82 45.48
C GLU B 74 6.26 -44.41 44.36
N VAL B 75 6.61 -43.34 43.68
CA VAL B 75 5.84 -42.87 42.54
C VAL B 75 6.73 -42.89 41.30
N GLN B 76 6.23 -43.52 40.24
CA GLN B 76 6.94 -43.51 38.97
C GLN B 76 6.28 -42.50 38.04
N TYR B 77 7.09 -41.63 37.47
CA TYR B 77 6.60 -40.60 36.56
C TYR B 77 6.99 -40.95 35.14
N LYS B 78 6.11 -40.68 34.20
CA LYS B 78 6.42 -40.78 32.79
C LYS B 78 6.19 -39.38 32.26
N ILE B 79 7.23 -38.78 31.69
CA ILE B 79 7.15 -37.39 31.27
C ILE B 79 7.60 -37.27 29.83
N TRP B 80 6.77 -36.65 29.00
CA TRP B 80 7.13 -36.40 27.62
C TRP B 80 6.66 -35.05 27.17
N ARG B 81 7.33 -34.53 26.15
CA ARG B 81 6.88 -33.31 25.51
C ARG B 81 5.77 -33.65 24.53
N THR B 82 4.67 -32.91 24.61
CA THR B 82 3.56 -33.11 23.71
C THR B 82 4.04 -33.09 22.25
N ALA B 83 4.98 -32.19 21.96
CA ALA B 83 5.50 -32.01 20.60
C ALA B 83 6.20 -33.25 20.06
N ASP B 84 6.75 -34.08 20.94
CA ASP B 84 7.53 -35.26 20.55
C ASP B 84 6.75 -36.56 20.60
N GLY B 85 5.66 -36.59 21.36
CA GLY B 85 4.84 -37.77 21.46
C GLY B 85 5.16 -38.68 22.63
N LYS B 86 4.17 -39.43 23.10
CA LYS B 86 4.30 -40.23 24.30
C LYS B 86 5.40 -41.31 24.19
N GLU B 87 5.71 -41.74 22.97
CA GLU B 87 6.71 -42.78 22.77
C GLU B 87 8.10 -42.33 23.21
N THR B 88 8.32 -41.03 23.28
CA THR B 88 9.62 -40.49 23.66
C THR B 88 9.73 -40.21 25.17
N ALA B 89 8.73 -40.64 25.92
CA ALA B 89 8.66 -40.34 27.34
C ALA B 89 9.89 -40.83 28.11
N LYS B 90 10.31 -40.04 29.09
CA LYS B 90 11.40 -40.43 29.98
C LYS B 90 10.79 -41.09 31.21
N SER B 91 11.50 -42.08 31.74
CA SER B 91 11.04 -42.79 32.94
C SER B 91 11.75 -42.23 34.17
N LEU B 92 10.96 -41.75 35.12
CA LEU B 92 11.49 -41.14 36.33
C LEU B 92 10.81 -41.73 37.56
N SER B 93 11.47 -41.64 38.70
CA SER B 93 10.89 -42.18 39.92
C SER B 93 11.31 -41.36 41.13
N SER B 94 10.44 -41.32 42.13
CA SER B 94 10.77 -40.73 43.41
C SER B 94 10.36 -41.66 44.53
N LYS B 95 11.25 -41.86 45.49
CA LYS B 95 10.95 -42.68 46.66
C LYS B 95 10.90 -41.81 47.92
N GLU B 96 10.87 -40.50 47.73
CA GLU B 96 10.89 -39.56 48.84
C GLU B 96 9.51 -39.42 49.44
N LYS B 97 9.05 -40.45 50.15
CA LYS B 97 7.69 -40.43 50.68
C LYS B 97 7.54 -39.35 51.69
N GLU B 98 8.63 -39.00 52.35
CA GLU B 98 8.56 -38.00 53.38
C GLU B 98 8.43 -36.62 52.76
N LYS B 99 8.89 -36.47 51.53
CA LYS B 99 8.77 -35.20 50.82
C LYS B 99 7.78 -35.23 49.66
N GLN B 100 6.64 -35.85 49.89
CA GLN B 100 5.57 -35.90 48.90
C GLN B 100 6.03 -36.40 47.54
N PHE B 101 6.95 -37.36 47.55
CA PHE B 101 7.49 -37.98 46.34
C PHE B 101 8.03 -36.92 45.39
N SER B 102 8.77 -35.98 45.98
CA SER B 102 9.37 -34.86 45.25
C SER B 102 10.23 -35.33 44.09
N LEU B 103 10.06 -34.68 42.93
CA LEU B 103 10.85 -35.00 41.75
C LEU B 103 11.36 -33.71 41.10
N PRO B 104 12.69 -33.54 41.08
CA PRO B 104 13.26 -32.37 40.40
C PRO B 104 13.04 -32.51 38.90
N PHE B 105 12.66 -31.40 38.24
CA PHE B 105 12.44 -31.40 36.81
C PHE B 105 13.24 -30.27 36.19
N ASP B 106 13.92 -30.55 35.09
CA ASP B 106 14.73 -29.53 34.44
C ASP B 106 14.69 -29.76 32.93
N THR B 107 14.47 -28.70 32.17
CA THR B 107 14.42 -28.83 30.71
C THR B 107 15.74 -29.31 30.13
N LYS B 108 16.83 -29.20 30.88
CA LYS B 108 18.13 -29.70 30.42
C LYS B 108 18.10 -31.21 30.20
N GLU B 109 17.21 -31.91 30.89
CA GLU B 109 17.04 -33.35 30.69
C GLU B 109 16.41 -33.64 29.33
N PHE B 110 15.85 -32.61 28.71
CA PHE B 110 15.20 -32.74 27.41
C PHE B 110 15.93 -31.87 26.38
N GLU B 111 17.26 -31.81 26.51
CA GLU B 111 18.10 -31.03 25.61
C GLU B 111 17.73 -29.55 25.55
N GLY B 112 17.17 -29.04 26.65
CA GLY B 112 16.79 -27.65 26.74
C GLY B 112 15.48 -27.30 26.04
N LYS B 113 14.81 -28.32 25.50
CA LYS B 113 13.55 -28.08 24.78
C LYS B 113 12.44 -27.71 25.76
N ARG B 114 11.44 -27.00 25.24
CA ARG B 114 10.43 -26.36 26.08
C ARG B 114 9.02 -26.76 25.65
N GLY B 115 8.03 -25.94 26.00
CA GLY B 115 6.65 -26.24 25.67
C GLY B 115 5.92 -27.03 26.73
N GLU B 116 4.85 -27.71 26.30
CA GLU B 116 4.02 -28.50 27.17
C GLU B 116 4.63 -29.87 27.44
N PHE B 117 4.77 -30.21 28.72
CA PHE B 117 5.20 -31.54 29.12
C PHE B 117 4.02 -32.22 29.79
N GLN B 118 3.72 -33.45 29.36
CA GLN B 118 2.68 -34.23 30.02
C GLN B 118 3.32 -35.12 31.06
N ILE B 119 2.63 -35.28 32.18
CA ILE B 119 3.15 -36.07 33.29
C ILE B 119 2.14 -37.13 33.69
N GLU B 120 2.56 -38.38 33.62
CA GLU B 120 1.74 -39.48 34.10
C GLU B 120 2.43 -40.13 35.30
N ALA B 121 1.67 -40.34 36.36
CA ALA B 121 2.22 -40.95 37.57
C ALA B 121 1.48 -42.24 37.95
N ILE B 122 2.25 -43.25 38.31
CA ILE B 122 1.68 -44.47 38.89
C ILE B 122 2.28 -44.65 40.28
N GLY B 123 1.50 -45.27 41.16
CA GLY B 123 1.92 -45.46 42.54
C GLY B 123 2.19 -46.92 42.83
N ILE B 124 3.26 -47.18 43.57
CA ILE B 124 3.64 -48.54 43.93
C ILE B 124 3.43 -48.80 45.41
N LYS B 125 2.66 -49.85 45.71
CA LYS B 125 2.54 -50.33 47.07
C LYS B 125 3.71 -51.27 47.30
N GLU B 126 4.20 -51.35 48.54
CA GLU B 126 5.46 -52.01 48.84
C GLU B 126 5.52 -53.49 48.46
N ASP B 127 4.36 -54.08 48.14
CA ASP B 127 4.33 -55.46 47.65
C ASP B 127 4.75 -55.53 46.18
N GLY B 128 4.24 -54.59 45.38
CA GLY B 128 4.52 -54.55 43.96
C GLY B 128 3.26 -54.20 43.18
N LYS B 129 2.16 -54.03 43.91
CA LYS B 129 0.88 -53.67 43.32
C LYS B 129 0.89 -52.23 42.85
N THR B 130 0.84 -52.03 41.53
CA THR B 130 0.85 -50.69 40.96
C THR B 130 -0.56 -50.16 40.74
N ILE B 131 -0.76 -48.89 41.07
CA ILE B 131 -2.06 -48.25 40.94
C ILE B 131 -1.93 -46.96 40.15
N PRO B 132 -2.75 -46.80 39.09
CA PRO B 132 -2.75 -45.56 38.30
C PRO B 132 -3.07 -44.36 39.18
N LEU B 133 -2.10 -43.47 39.37
CA LEU B 133 -2.32 -42.31 40.22
C LEU B 133 -3.14 -41.24 39.54
N THR B 134 -2.47 -40.35 38.81
CA THR B 134 -3.15 -39.26 38.12
C THR B 134 -2.26 -38.70 37.02
N LYS B 135 -2.81 -37.75 36.26
CA LYS B 135 -2.09 -37.16 35.14
C LYS B 135 -2.20 -35.64 35.19
N SER B 136 -1.17 -34.95 34.71
CA SER B 136 -1.17 -33.50 34.66
C SER B 136 -0.23 -33.01 33.58
N ALA B 137 0.06 -31.72 33.60
CA ALA B 137 0.94 -31.13 32.61
C ALA B 137 1.59 -29.87 33.14
N ILE B 138 2.74 -29.51 32.58
CA ILE B 138 3.40 -28.25 32.89
C ILE B 138 3.91 -27.66 31.58
N THR B 139 3.79 -26.35 31.44
CA THR B 139 4.19 -25.69 30.21
C THR B 139 5.30 -24.68 30.44
N PHE B 140 6.45 -24.92 29.81
CA PHE B 140 7.54 -23.96 29.81
C PHE B 140 7.42 -23.16 28.52
N GLU B 141 7.04 -21.89 28.64
CA GLU B 141 6.66 -21.11 27.45
C GLU B 141 7.73 -21.08 26.36
N GLN B 142 7.30 -21.33 25.12
CA GLN B 142 8.16 -21.31 23.94
C GLN B 142 8.08 -19.97 23.25
N LYS B 143 9.22 -19.44 22.81
CA LYS B 143 9.20 -18.23 21.98
C LYS B 143 8.61 -18.56 20.62
N VAL B 144 8.01 -17.55 20.01
CA VAL B 144 7.34 -17.72 18.72
C VAL B 144 7.73 -16.56 17.81
N PRO B 145 8.62 -16.82 16.84
CA PRO B 145 8.92 -15.77 15.87
C PRO B 145 7.73 -15.59 14.93
N VAL B 146 7.38 -14.34 14.66
CA VAL B 146 6.29 -14.05 13.73
C VAL B 146 6.92 -13.25 12.59
N LEU B 147 7.11 -13.90 11.44
CA LEU B 147 7.82 -13.28 10.31
C LEU B 147 6.93 -12.33 9.54
N MET B 148 7.50 -11.22 9.09
CA MET B 148 6.76 -10.24 8.29
C MET B 148 7.36 -10.09 6.90
N TYR B 149 6.58 -10.52 5.91
CA TYR B 149 6.88 -10.31 4.50
C TYR B 149 5.89 -9.31 3.91
N HIS B 150 6.25 -8.77 2.76
CA HIS B 150 5.37 -7.91 1.99
C HIS B 150 5.26 -8.46 0.57
N ALA B 151 6.06 -7.94 -0.35
CA ALA B 151 6.02 -8.41 -1.73
C ALA B 151 6.93 -9.61 -1.92
N ILE B 152 6.43 -10.61 -2.62
CA ILE B 152 7.25 -11.74 -3.05
C ILE B 152 7.37 -11.65 -4.57
N ASP B 153 8.41 -10.96 -5.03
CA ASP B 153 8.57 -10.64 -6.45
C ASP B 153 9.94 -9.99 -6.60
N ASP B 154 10.33 -9.72 -7.84
CA ASP B 154 11.53 -8.94 -8.11
C ASP B 154 11.22 -7.45 -8.11
N TYR B 155 12.13 -6.66 -7.54
CA TYR B 155 12.01 -5.20 -7.55
C TYR B 155 12.34 -4.65 -8.93
N HIS B 156 11.50 -3.73 -9.41
CA HIS B 156 11.70 -3.14 -10.73
C HIS B 156 11.70 -1.61 -10.71
N GLY B 157 12.00 -1.02 -9.57
CA GLY B 157 12.09 0.43 -9.48
C GLY B 157 10.85 1.08 -8.90
N GLN B 158 9.80 0.29 -8.72
CA GLN B 158 8.55 0.81 -8.17
C GLN B 158 8.36 0.39 -6.72
N GLY B 159 7.98 1.34 -5.87
CA GLY B 159 7.74 1.05 -4.47
C GLY B 159 9.01 1.03 -3.65
N ILE B 160 8.93 0.35 -2.50
CA ILE B 160 10.03 0.33 -1.55
C ILE B 160 10.80 -0.97 -1.73
N LYS B 161 12.01 -0.86 -2.27
CA LYS B 161 12.87 -2.00 -2.60
C LYS B 161 12.99 -2.99 -1.44
N ASP B 162 13.18 -2.45 -0.23
CA ASP B 162 13.31 -3.28 0.96
C ASP B 162 12.15 -4.25 1.17
N LEU B 163 10.97 -3.89 0.67
CA LEU B 163 9.77 -4.69 0.90
C LEU B 163 9.56 -5.81 -0.11
N PHE B 164 10.52 -5.99 -1.02
CA PHE B 164 10.48 -7.06 -2.00
C PHE B 164 11.46 -8.18 -1.63
N VAL B 165 10.97 -9.40 -1.48
CA VAL B 165 11.82 -10.58 -1.35
C VAL B 165 11.58 -11.43 -2.58
N SER B 166 12.64 -11.83 -3.29
CA SER B 166 12.44 -12.58 -4.53
C SER B 166 11.85 -13.95 -4.27
N PRO B 167 11.11 -14.49 -5.24
CA PRO B 167 10.54 -15.83 -5.06
C PRO B 167 11.63 -16.86 -4.75
N ALA B 168 12.80 -16.72 -5.35
CA ALA B 168 13.90 -17.65 -5.09
C ALA B 168 14.38 -17.54 -3.63
N ASN B 169 14.54 -16.32 -3.14
CA ASN B 169 14.97 -16.14 -1.77
C ASN B 169 13.89 -16.56 -0.77
N PHE B 170 12.63 -16.25 -1.08
CA PHE B 170 11.54 -16.74 -0.24
C PHE B 170 11.56 -18.26 -0.15
N GLU B 171 11.74 -18.93 -1.28
CA GLU B 171 11.82 -20.39 -1.28
C GLU B 171 12.99 -20.90 -0.44
N ALA B 172 14.14 -20.23 -0.52
CA ALA B 172 15.30 -20.65 0.26
C ALA B 172 15.02 -20.51 1.75
N GLN B 173 14.32 -19.45 2.12
CA GLN B 173 13.96 -19.23 3.51
C GLN B 173 12.96 -20.28 4.01
N MET B 174 11.95 -20.57 3.19
CA MET B 174 10.99 -21.61 3.57
C MET B 174 11.67 -22.97 3.62
N LYS B 175 12.61 -23.23 2.71
CA LYS B 175 13.37 -24.47 2.72
C LYS B 175 14.17 -24.60 4.03
N TYR B 176 14.68 -23.47 4.54
CA TYR B 176 15.38 -23.51 5.81
C TYR B 176 14.43 -23.99 6.92
N LEU B 177 13.22 -23.45 6.95
CA LEU B 177 12.22 -23.87 7.93
C LEU B 177 11.91 -25.36 7.80
N LYS B 178 11.75 -25.82 6.56
CA LYS B 178 11.50 -27.22 6.29
C LYS B 178 12.64 -28.11 6.77
N ASP B 179 13.87 -27.72 6.42
CA ASP B 179 15.03 -28.56 6.72
C ASP B 179 15.35 -28.62 8.21
N ASN B 180 14.90 -27.62 8.97
CA ASN B 180 15.27 -27.49 10.37
C ASN B 180 14.13 -27.77 11.33
N GLY B 181 13.06 -28.36 10.80
CA GLY B 181 12.01 -28.91 11.65
C GLY B 181 11.13 -27.88 12.35
N TYR B 182 10.97 -26.71 11.73
CA TYR B 182 10.04 -25.73 12.26
C TYR B 182 8.61 -26.18 11.97
N THR B 183 7.68 -25.81 12.86
CA THR B 183 6.26 -26.05 12.63
C THR B 183 5.57 -24.73 12.33
N LEU B 184 5.16 -24.56 11.09
CA LEU B 184 4.47 -23.34 10.69
C LEU B 184 3.04 -23.37 11.24
N LEU B 185 2.62 -22.23 11.80
CA LEU B 185 1.27 -22.11 12.38
C LEU B 185 0.58 -20.85 11.89
N THR B 186 -0.74 -20.82 12.08
CA THR B 186 -1.55 -19.62 11.89
C THR B 186 -2.36 -19.44 13.18
N PHE B 187 -3.09 -18.34 13.29
CA PHE B 187 -3.69 -17.98 14.58
C PHE B 187 -4.82 -18.90 15.03
N GLU B 188 -5.37 -19.66 14.08
CA GLU B 188 -6.32 -20.72 14.42
C GLU B 188 -5.72 -21.75 15.37
N ARG B 189 -4.39 -21.89 15.32
CA ARG B 189 -3.68 -22.83 16.18
C ARG B 189 -2.85 -22.14 17.25
N TRP B 190 -3.26 -20.95 17.66
CA TRP B 190 -2.54 -20.26 18.73
C TRP B 190 -2.42 -21.13 19.97
N GLY B 191 -3.46 -21.92 20.24
CA GLY B 191 -3.45 -22.81 21.40
C GLY B 191 -2.48 -23.96 21.31
N ASP B 192 -1.83 -24.11 20.16
CA ASP B 192 -0.87 -25.20 19.96
C ASP B 192 0.60 -24.76 19.96
N ILE B 193 0.87 -23.48 20.22
CA ILE B 193 2.27 -23.02 20.17
C ILE B 193 3.23 -23.78 21.09
N ASN B 194 2.72 -24.32 22.20
CA ASN B 194 3.55 -25.10 23.12
C ASN B 194 3.44 -26.61 22.92
N LYS B 195 2.67 -27.00 21.92
CA LYS B 195 2.41 -28.40 21.65
C LYS B 195 3.12 -28.90 20.40
N VAL B 196 3.89 -28.02 19.77
CA VAL B 196 4.64 -28.36 18.56
C VAL B 196 6.10 -27.96 18.71
N ASN B 197 6.95 -28.56 17.90
CA ASN B 197 8.34 -28.17 17.87
C ASN B 197 8.59 -26.93 17.03
N LYS B 198 9.41 -26.03 17.57
CA LYS B 198 9.83 -24.83 16.86
C LYS B 198 8.69 -24.11 16.14
N PRO B 199 7.70 -23.63 16.90
CA PRO B 199 6.58 -22.90 16.28
C PRO B 199 7.05 -21.62 15.59
N ILE B 200 6.45 -21.31 14.45
CA ILE B 200 6.77 -20.08 13.76
C ILE B 200 5.57 -19.66 12.94
N PHE B 201 5.35 -18.35 12.85
CA PHE B 201 4.26 -17.80 12.05
C PHE B 201 4.81 -17.05 10.86
N VAL B 202 4.50 -17.52 9.66
CA VAL B 202 4.84 -16.79 8.46
C VAL B 202 3.67 -15.87 8.13
N THR B 203 3.92 -14.57 8.03
CA THR B 203 2.85 -13.61 7.69
C THR B 203 3.24 -12.71 6.54
N PHE B 204 2.22 -12.28 5.80
CA PHE B 204 2.37 -11.38 4.66
C PHE B 204 1.44 -10.21 4.85
N ASP B 205 1.94 -9.00 4.60
CA ASP B 205 1.10 -7.80 4.71
C ASP B 205 0.70 -7.26 3.35
N ASP B 206 -0.62 -7.05 3.21
CA ASP B 206 -1.31 -6.17 2.22
C ASP B 206 -2.22 -6.89 1.25
N GLY B 207 -1.88 -8.13 0.90
CA GLY B 207 -2.66 -8.85 -0.10
C GLY B 207 -2.27 -8.50 -1.52
N MET B 208 -0.99 -8.28 -1.77
CA MET B 208 -0.52 -8.07 -3.13
CA MET B 208 -0.51 -8.08 -3.13
C MET B 208 -0.71 -9.33 -3.97
N LYS B 209 -1.03 -9.13 -5.24
CA LYS B 209 -1.20 -10.23 -6.17
C LYS B 209 0.03 -11.13 -6.20
N ASN B 210 1.21 -10.54 -6.07
CA ASN B 210 2.45 -11.32 -6.13
C ASN B 210 2.56 -12.33 -4.99
N ASN B 211 1.70 -12.24 -3.99
CA ASN B 211 1.73 -13.24 -2.92
C ASN B 211 1.26 -14.60 -3.42
N MET B 212 0.67 -14.64 -4.62
CA MET B 212 0.43 -15.93 -5.26
C MET B 212 1.75 -16.66 -5.52
N ASN B 213 2.84 -15.92 -5.68
CA ASN B 213 4.15 -16.56 -5.84
C ASN B 213 4.53 -17.30 -4.56
N ALA B 214 4.23 -16.70 -3.41
CA ALA B 214 4.50 -17.34 -2.12
C ALA B 214 3.65 -18.60 -1.98
N PHE B 215 2.37 -18.47 -2.35
CA PHE B 215 1.45 -19.61 -2.31
C PHE B 215 2.00 -20.78 -3.14
N HIS B 216 2.45 -20.49 -4.36
CA HIS B 216 2.97 -21.55 -5.22
C HIS B 216 4.23 -22.19 -4.66
N VAL B 217 5.10 -21.38 -4.07
CA VAL B 217 6.30 -21.92 -3.41
C VAL B 217 5.91 -22.86 -2.26
N LEU B 218 4.96 -22.44 -1.45
CA LEU B 218 4.53 -23.27 -0.33
C LEU B 218 3.90 -24.58 -0.82
N GLN B 219 3.10 -24.50 -1.89
CA GLN B 219 2.54 -25.71 -2.49
C GLN B 219 3.64 -26.68 -2.95
N LYS B 220 4.70 -26.13 -3.54
CA LYS B 220 5.81 -26.94 -4.04
C LYS B 220 6.53 -27.64 -2.89
N LEU B 221 6.76 -26.92 -1.81
CA LEU B 221 7.50 -27.48 -0.68
C LEU B 221 6.67 -28.43 0.18
N LYS B 222 5.36 -28.34 0.07
CA LYS B 222 4.45 -29.19 0.85
C LYS B 222 4.56 -30.66 0.45
N ASP B 223 4.72 -31.51 1.46
CA ASP B 223 4.73 -32.96 1.27
C ASP B 223 4.53 -33.63 2.62
N ASP B 224 4.76 -34.94 2.74
CA ASP B 224 4.50 -35.62 4.01
C ASP B 224 5.38 -35.10 5.14
N THR B 225 6.51 -34.48 4.78
CA THR B 225 7.45 -33.99 5.80
C THR B 225 7.26 -32.53 6.17
N PHE B 226 6.37 -31.83 5.46
CA PHE B 226 6.27 -30.39 5.60
C PHE B 226 4.86 -29.93 5.27
N LYS B 227 4.17 -29.40 6.27
CA LYS B 227 2.79 -28.93 6.12
C LYS B 227 2.75 -27.44 6.33
N PRO B 228 3.04 -26.67 5.27
CA PRO B 228 3.15 -25.23 5.46
C PRO B 228 1.79 -24.55 5.56
N VAL B 229 1.74 -23.53 6.40
CA VAL B 229 0.59 -22.62 6.46
C VAL B 229 1.15 -21.22 6.61
N ALA B 230 0.33 -20.20 6.31
CA ALA B 230 0.76 -18.83 6.46
C ALA B 230 -0.45 -17.93 6.60
N THR B 231 -0.22 -16.74 7.15
CA THR B 231 -1.26 -15.72 7.30
C THR B 231 -1.07 -14.62 6.29
N GLU B 232 -2.15 -14.25 5.61
CA GLU B 232 -2.16 -13.10 4.72
C GLU B 232 -3.00 -12.03 5.38
N TYR B 233 -2.45 -10.84 5.58
CA TYR B 233 -3.23 -9.74 6.10
C TYR B 233 -3.70 -8.87 4.93
N MET B 234 -4.97 -9.01 4.57
CA MET B 234 -5.52 -8.40 3.36
C MET B 234 -6.04 -6.98 3.61
N ILE B 235 -5.61 -6.02 2.79
CA ILE B 235 -6.28 -4.70 2.78
C ILE B 235 -7.63 -4.97 2.12
N VAL B 236 -8.70 -4.97 2.90
CA VAL B 236 -9.94 -5.59 2.43
C VAL B 236 -10.57 -4.86 1.23
N ASN B 237 -10.49 -3.54 1.19
CA ASN B 237 -11.07 -2.83 0.05
C ASN B 237 -10.32 -3.10 -1.25
N ASN B 238 -9.13 -3.71 -1.15
CA ASN B 238 -8.36 -4.03 -2.36
C ASN B 238 -8.65 -5.41 -2.97
N VAL B 239 -9.54 -6.18 -2.39
CA VAL B 239 -9.88 -7.45 -3.03
C VAL B 239 -10.38 -7.17 -4.45
N ASP B 240 -9.82 -7.89 -5.43
CA ASP B 240 -10.13 -7.73 -6.86
C ASP B 240 -9.61 -6.43 -7.50
N ALA B 241 -8.86 -5.64 -6.75
CA ALA B 241 -8.23 -4.44 -7.32
C ALA B 241 -7.00 -4.81 -8.11
N GLU B 242 -6.67 -4.00 -9.12
CA GLU B 242 -5.42 -4.20 -9.86
C GLU B 242 -4.24 -4.25 -8.91
N GLY B 243 -3.43 -5.28 -9.03
CA GLY B 243 -2.23 -5.40 -8.20
C GLY B 243 -2.42 -6.19 -6.91
N SER B 244 -3.67 -6.53 -6.61
CA SER B 244 -4.00 -7.23 -5.36
C SER B 244 -4.60 -8.60 -5.66
N LEU B 245 -4.67 -9.44 -4.62
CA LEU B 245 -5.33 -10.74 -4.74
C LEU B 245 -6.78 -10.58 -5.17
N SER B 246 -7.21 -11.45 -6.07
CA SER B 246 -8.61 -11.52 -6.49
C SER B 246 -9.41 -12.40 -5.53
N THR B 247 -10.73 -12.35 -5.66
CA THR B 247 -11.59 -13.25 -4.93
C THR B 247 -11.23 -14.71 -5.21
N SER B 248 -10.99 -15.05 -6.48
CA SER B 248 -10.57 -16.39 -6.86
CA SER B 248 -10.61 -16.41 -6.80
C SER B 248 -9.24 -16.78 -6.20
N ASP B 249 -8.30 -15.84 -6.20
CA ASP B 249 -7.01 -16.09 -5.55
C ASP B 249 -7.19 -16.43 -4.08
N ILE B 250 -7.99 -15.62 -3.38
CA ILE B 250 -8.19 -15.80 -1.94
C ILE B 250 -8.83 -17.14 -1.68
N LYS B 251 -9.86 -17.49 -2.45
CA LYS B 251 -10.53 -18.76 -2.23
C LYS B 251 -9.60 -19.94 -2.51
N GLU B 252 -8.73 -19.81 -3.51
CA GLU B 252 -7.77 -20.87 -3.79
C GLU B 252 -6.78 -21.01 -2.64
N MET B 253 -6.26 -19.89 -2.15
CA MET B 253 -5.30 -19.90 -1.07
C MET B 253 -5.91 -20.51 0.20
N VAL B 254 -7.16 -20.14 0.50
CA VAL B 254 -7.82 -20.67 1.69
C VAL B 254 -8.22 -22.13 1.52
N ASP B 255 -8.81 -22.48 0.38
CA ASP B 255 -9.31 -23.84 0.19
C ASP B 255 -8.17 -24.88 0.14
N SER B 256 -6.96 -24.43 -0.18
CA SER B 256 -5.80 -25.32 -0.23
C SER B 256 -5.40 -25.79 1.16
N GLY B 257 -5.89 -25.10 2.18
CA GLY B 257 -5.49 -25.39 3.54
C GLY B 257 -4.22 -24.66 3.98
N ILE B 258 -3.58 -23.95 3.06
CA ILE B 258 -2.32 -23.30 3.37
C ILE B 258 -2.50 -21.93 4.01
N PHE B 259 -3.42 -21.12 3.49
CA PHE B 259 -3.54 -19.76 3.98
C PHE B 259 -4.67 -19.51 4.96
N SER B 260 -4.34 -18.71 5.97
CA SER B 260 -5.31 -18.08 6.84
C SER B 260 -5.42 -16.62 6.39
N MET B 261 -6.61 -16.24 5.93
CA MET B 261 -6.83 -14.90 5.37
CA MET B 261 -6.83 -14.89 5.39
C MET B 261 -7.36 -13.98 6.47
N GLN B 262 -6.54 -13.03 6.88
CA GLN B 262 -6.85 -12.15 8.00
C GLN B 262 -6.82 -10.68 7.57
N SER B 263 -7.01 -9.77 8.51
CA SER B 263 -7.28 -8.38 8.16
C SER B 263 -6.07 -7.46 8.19
N HIS B 264 -6.01 -6.53 7.24
CA HIS B 264 -5.06 -5.41 7.29
C HIS B 264 -5.81 -4.08 7.27
N THR B 265 -7.02 -4.10 7.83
CA THR B 265 -7.99 -2.99 7.82
C THR B 265 -8.65 -2.83 6.45
N ALA B 266 -9.61 -1.91 6.35
CA ALA B 266 -10.31 -1.69 5.10
C ALA B 266 -9.45 -0.98 4.07
N THR B 267 -8.78 0.09 4.50
CA THR B 267 -8.06 0.94 3.55
C THR B 267 -6.57 1.08 3.84
N HIS B 268 -6.06 0.32 4.80
CA HIS B 268 -4.67 0.45 5.26
C HIS B 268 -4.50 1.81 5.92
N ALA B 269 -5.46 2.16 6.76
CA ALA B 269 -5.50 3.48 7.35
C ALA B 269 -4.52 3.61 8.51
N ASP B 270 -4.01 4.82 8.70
CA ASP B 270 -3.14 5.16 9.81
C ASP B 270 -4.02 5.26 11.06
N LEU B 271 -4.14 4.15 11.78
CA LEU B 271 -5.21 4.03 12.79
C LEU B 271 -5.25 5.09 13.90
N PRO B 272 -4.07 5.55 14.39
CA PRO B 272 -4.14 6.62 15.39
C PRO B 272 -4.72 7.93 14.86
N LYS B 273 -4.81 8.06 13.53
CA LYS B 273 -5.20 9.32 12.92
C LYS B 273 -6.60 9.30 12.30
N ILE B 274 -7.34 8.21 12.46
CA ILE B 274 -8.71 8.13 11.94
C ILE B 274 -9.73 7.97 13.06
N THR B 275 -11.00 8.13 12.71
CA THR B 275 -12.08 8.02 13.68
C THR B 275 -13.07 6.93 13.32
N ASN B 276 -12.97 6.41 12.10
CA ASN B 276 -13.94 5.41 11.63
C ASN B 276 -13.51 3.98 11.94
N TYR B 277 -13.42 3.70 13.24
CA TYR B 277 -12.95 2.40 13.70
C TYR B 277 -13.88 1.26 13.30
N GLU B 278 -15.20 1.46 13.36
CA GLU B 278 -16.10 0.39 12.93
C GLU B 278 -15.85 0.02 11.47
N GLU B 279 -15.74 1.03 10.61
CA GLU B 279 -15.51 0.78 9.19
C GLU B 279 -14.17 0.12 8.92
N GLU B 280 -13.11 0.62 9.58
CA GLU B 280 -11.77 0.12 9.31
C GLU B 280 -11.48 -1.25 9.92
N LEU B 281 -12.05 -1.52 11.09
CA LEU B 281 -11.70 -2.72 11.86
C LEU B 281 -12.80 -3.78 11.87
N LYS B 282 -14.03 -3.36 12.09
CA LYS B 282 -15.14 -4.31 12.20
C LYS B 282 -15.67 -4.73 10.83
N GLU B 283 -15.96 -3.75 9.98
CA GLU B 283 -16.57 -4.05 8.70
C GLU B 283 -15.61 -4.72 7.73
N SER B 284 -14.32 -4.41 7.84
CA SER B 284 -13.30 -5.11 7.05
C SER B 284 -13.31 -6.59 7.39
N LYS B 285 -13.33 -6.91 8.68
CA LYS B 285 -13.41 -8.30 9.14
C LYS B 285 -14.65 -8.99 8.58
N GLU B 286 -15.80 -8.32 8.67
CA GLU B 286 -17.06 -8.90 8.21
C GLU B 286 -17.05 -9.18 6.72
N LYS B 287 -16.55 -8.23 5.95
CA LYS B 287 -16.49 -8.40 4.50
C LYS B 287 -15.54 -9.55 4.13
N LEU B 288 -14.42 -9.63 4.85
CA LEU B 288 -13.47 -10.69 4.55
C LEU B 288 -14.03 -12.08 4.90
N GLU B 289 -14.76 -12.19 6.01
CA GLU B 289 -15.42 -13.45 6.36
C GLU B 289 -16.43 -13.90 5.30
N LYS B 290 -17.11 -12.95 4.68
CA LYS B 290 -18.06 -13.28 3.62
C LYS B 290 -17.34 -13.91 2.43
N ILE B 291 -16.11 -13.45 2.18
CA ILE B 291 -15.31 -13.98 1.09
C ILE B 291 -14.72 -15.35 1.40
N THR B 292 -14.16 -15.52 2.59
CA THR B 292 -13.39 -16.72 2.88
C THR B 292 -14.21 -17.86 3.48
N GLY B 293 -15.30 -17.53 4.16
CA GLY B 293 -16.07 -18.52 4.88
C GLY B 293 -15.35 -19.06 6.11
N LYS B 294 -14.31 -18.35 6.56
CA LYS B 294 -13.53 -18.78 7.71
C LYS B 294 -13.37 -17.60 8.67
N PRO B 295 -13.31 -17.90 9.98
CA PRO B 295 -13.20 -16.80 10.95
C PRO B 295 -12.01 -15.87 10.67
N VAL B 296 -12.27 -14.58 10.82
CA VAL B 296 -11.23 -13.58 10.78
C VAL B 296 -11.05 -13.13 12.22
N ILE B 297 -9.85 -13.41 12.74
CA ILE B 297 -9.57 -13.28 14.16
C ILE B 297 -8.33 -12.43 14.43
N ALA B 298 -7.63 -12.05 13.36
CA ALA B 298 -6.34 -11.38 13.48
C ALA B 298 -6.23 -10.18 12.57
N VAL B 299 -5.47 -9.19 13.01
CA VAL B 299 -5.21 -7.98 12.23
C VAL B 299 -3.73 -7.60 12.34
N ALA B 300 -3.23 -6.86 11.36
CA ALA B 300 -1.92 -6.23 11.46
C ALA B 300 -2.14 -4.73 11.40
N TYR B 301 -1.45 -3.98 12.26
CA TYR B 301 -1.60 -2.52 12.27
C TYR B 301 -0.85 -1.87 11.10
N PXU B 302 -1.54 -1.09 10.29
CA PXU B 302 -0.95 -0.42 9.25
OA PXU B 302 -0.35 -1.23 8.24
CB PXU B 302 -2.18 0.49 8.63
CG PXU B 302 -3.23 -0.30 8.72
CD PXU B 302 -3.07 -0.93 10.12
C PXU B 302 0.23 0.44 9.74
O PXU B 302 0.09 1.20 10.72
N PHE B 303 1.38 0.33 9.05
CA PHE B 303 2.60 1.09 9.38
C PHE B 303 3.17 0.77 10.76
N GLY B 304 2.62 -0.24 11.41
CA GLY B 304 2.98 -0.53 12.79
C GLY B 304 2.51 0.56 13.74
N HIS B 305 1.61 1.43 13.28
CA HIS B 305 1.16 2.53 14.13
C HIS B 305 0.08 2.10 15.11
N VAL B 306 0.39 2.23 16.39
CA VAL B 306 -0.52 1.78 17.42
C VAL B 306 -0.33 2.60 18.69
N ASP B 307 -1.45 2.91 19.35
CA ASP B 307 -1.43 3.55 20.66
C ASP B 307 -2.55 2.91 21.50
N ASP B 308 -2.73 3.34 22.74
CA ASP B 308 -3.71 2.67 23.58
C ASP B 308 -5.14 2.79 23.05
N LYS B 309 -5.47 3.91 22.42
CA LYS B 309 -6.80 4.07 21.82
C LYS B 309 -7.01 3.03 20.71
N VAL B 310 -6.00 2.85 19.87
CA VAL B 310 -6.08 1.86 18.80
C VAL B 310 -6.22 0.45 19.36
N VAL B 311 -5.45 0.13 20.41
CA VAL B 311 -5.54 -1.20 21.00
C VAL B 311 -6.95 -1.44 21.54
N ALA B 312 -7.52 -0.43 22.19
CA ALA B 312 -8.83 -0.57 22.80
C ALA B 312 -9.90 -0.81 21.75
N GLU B 313 -9.80 -0.13 20.61
CA GLU B 313 -10.74 -0.35 19.53
C GLU B 313 -10.54 -1.71 18.89
N THR B 314 -9.28 -2.05 18.63
CA THR B 314 -8.94 -3.32 18.03
C THR B 314 -9.42 -4.50 18.89
N LYS B 315 -9.32 -4.33 20.21
CA LYS B 315 -9.71 -5.36 21.17
C LYS B 315 -11.18 -5.78 21.02
N LYS B 316 -12.03 -4.88 20.57
CA LYS B 316 -13.45 -5.22 20.38
C LYS B 316 -13.63 -6.25 19.27
N TYR B 317 -12.73 -6.24 18.29
CA TYR B 317 -13.00 -6.89 17.02
C TYR B 317 -12.05 -8.03 16.66
N TYR B 318 -10.87 -8.06 17.29
CA TYR B 318 -9.84 -9.05 16.94
C TYR B 318 -9.26 -9.67 18.19
N GLN B 319 -8.85 -10.94 18.07
CA GLN B 319 -8.14 -11.61 19.16
C GLN B 319 -6.63 -11.38 19.12
N PHE B 320 -6.11 -11.10 17.93
CA PHE B 320 -4.67 -10.97 17.71
C PHE B 320 -4.38 -9.74 16.87
N ALA B 321 -3.33 -9.00 17.22
CA ALA B 321 -2.90 -7.88 16.40
C ALA B 321 -1.38 -7.80 16.43
N THR B 322 -0.77 -7.67 15.26
CA THR B 322 0.68 -7.60 15.16
C THR B 322 1.16 -6.20 14.80
N THR B 323 2.31 -5.84 15.38
CA THR B 323 2.94 -4.56 15.16
C THR B 323 4.15 -4.73 14.24
N THR B 324 4.97 -3.69 14.11
CA THR B 324 6.25 -3.85 13.42
C THR B 324 7.42 -3.69 14.37
N LYS B 325 7.16 -3.74 15.67
CA LYS B 325 8.24 -3.70 16.64
C LYS B 325 9.04 -4.99 16.51
N PRO B 326 10.39 -4.87 16.45
CA PRO B 326 11.20 -6.06 16.18
C PRO B 326 11.34 -7.01 17.36
N GLY B 327 11.32 -8.30 17.06
CA GLY B 327 11.69 -9.31 18.03
C GLY B 327 10.78 -10.51 17.91
N LYS B 328 10.98 -11.47 18.81
CA LYS B 328 10.15 -12.66 18.88
C LYS B 328 9.12 -12.52 19.99
N PHE B 329 7.95 -13.08 19.79
CA PHE B 329 6.93 -13.09 20.82
C PHE B 329 7.21 -14.19 21.85
N ILE B 330 6.90 -13.90 23.12
CA ILE B 330 6.78 -14.96 24.10
C ILE B 330 5.62 -14.60 25.02
N THR B 331 4.90 -15.61 25.49
CA THR B 331 3.73 -15.40 26.32
C THR B 331 4.16 -15.01 27.74
N LYS B 332 3.88 -13.76 28.12
CA LYS B 332 4.26 -13.27 29.44
C LYS B 332 3.05 -12.99 30.32
N GLY B 333 1.86 -13.04 29.73
CA GLY B 333 0.65 -12.73 30.46
C GLY B 333 0.45 -11.23 30.71
N GLU B 334 1.16 -10.41 29.95
CA GLU B 334 1.02 -8.96 30.11
C GLU B 334 -0.28 -8.47 29.45
N PRO B 335 -0.84 -7.36 29.96
CA PRO B 335 -2.14 -6.88 29.46
C PRO B 335 -2.14 -6.65 27.95
N ASP B 336 -3.13 -7.24 27.28
CA ASP B 336 -3.32 -7.05 25.84
C ASP B 336 -2.10 -7.43 25.01
N GLU B 337 -1.24 -8.30 25.52
CA GLU B 337 -0.02 -8.65 24.79
C GLU B 337 -0.28 -9.26 23.41
N LEU B 338 -1.40 -9.95 23.25
CA LEU B 338 -1.71 -10.57 21.95
C LEU B 338 -2.13 -9.53 20.92
N LEU B 339 -2.41 -8.31 21.37
CA LEU B 339 -2.80 -7.21 20.49
C LEU B 339 -1.62 -6.27 20.26
N LYS B 340 -0.43 -6.67 20.73
CA LYS B 340 0.76 -5.84 20.57
C LYS B 340 1.94 -6.72 20.20
N MET B 341 1.70 -7.66 19.30
CA MET B 341 2.66 -8.73 19.02
CA MET B 341 2.67 -8.72 19.03
C MET B 341 3.81 -8.28 18.11
N LYS B 342 5.04 -8.44 18.60
CA LYS B 342 6.23 -8.12 17.82
C LYS B 342 6.39 -9.03 16.61
N ARG B 343 7.10 -8.54 15.61
CA ARG B 343 7.39 -9.34 14.40
C ARG B 343 8.85 -9.22 13.96
N VAL B 344 9.30 -10.25 13.25
CA VAL B 344 10.64 -10.28 12.67
C VAL B 344 10.55 -9.87 11.21
N ARG B 345 11.16 -8.74 10.87
CA ARG B 345 11.10 -8.22 9.51
C ARG B 345 12.08 -8.94 8.61
N ILE B 346 11.61 -9.38 7.44
CA ILE B 346 12.52 -9.93 6.44
C ILE B 346 12.75 -8.86 5.39
N HIS B 347 14.00 -8.67 5.01
CA HIS B 347 14.40 -7.61 4.08
C HIS B 347 14.72 -8.16 2.70
N HIS B 348 14.65 -7.29 1.70
CA HIS B 348 15.12 -7.60 0.35
C HIS B 348 16.51 -8.24 0.35
N THR B 349 17.39 -7.74 1.22
CA THR B 349 18.78 -8.19 1.24
C THR B 349 19.05 -9.37 2.17
N THR B 350 18.03 -9.83 2.91
CA THR B 350 18.20 -10.89 3.89
C THR B 350 18.71 -12.19 3.28
N THR B 351 19.79 -12.74 3.83
CA THR B 351 20.31 -14.03 3.38
C THR B 351 19.71 -15.13 4.25
N VAL B 352 19.93 -16.38 3.89
CA VAL B 352 19.36 -17.46 4.69
C VAL B 352 20.04 -17.49 6.06
N GLU B 353 21.31 -17.11 6.11
CA GLU B 353 22.04 -17.06 7.38
C GLU B 353 21.45 -15.97 8.28
N GLN B 354 21.14 -14.80 7.71
CA GLN B 354 20.53 -13.72 8.48
C GLN B 354 19.14 -14.10 8.93
N PHE B 355 18.41 -14.78 8.04
CA PHE B 355 17.08 -15.27 8.34
C PHE B 355 17.15 -16.22 9.53
N ALA B 356 18.04 -17.19 9.47
CA ALA B 356 18.20 -18.17 10.53
C ALA B 356 18.52 -17.49 11.87
N SER B 357 19.45 -16.54 11.83
CA SER B 357 19.88 -15.90 13.08
C SER B 357 18.73 -15.13 13.72
N SER B 358 17.81 -14.63 12.89
CA SER B 358 16.71 -13.83 13.38
C SER B 358 15.58 -14.64 14.00
N ILE B 359 15.56 -15.95 13.75
CA ILE B 359 14.45 -16.79 14.24
C ILE B 359 14.85 -17.87 15.23
N LYS B 360 16.17 -18.19 15.27
CA LYS B 360 16.48 -19.41 16.00
CA LYS B 360 16.40 -19.39 15.96
C LYS B 360 16.57 -19.16 17.50
C ACT C . -20.25 17.92 -8.83
O ACT C . -19.45 18.22 -7.90
OXT ACT C . -21.49 18.00 -8.60
CH3 ACT C . -19.76 17.51 -10.18
ZN ZN D . -20.61 20.05 -7.00
C ACT E . 3.54 5.91 -10.63
O ACT E . 2.49 6.19 -10.02
OXT ACT E . 3.81 6.64 -11.61
CH3 ACT E . 4.41 4.76 -10.22
C1 EDO F . -1.18 28.78 -7.96
O1 EDO F . -1.00 30.13 -7.51
C2 EDO F . -2.23 28.88 -9.00
O2 EDO F . -1.62 29.55 -10.07
C1 EDO G . 6.22 18.44 -7.43
O1 EDO G . 6.67 19.75 -7.04
C2 EDO G . 4.71 18.32 -7.16
O2 EDO G . 4.01 19.32 -7.89
C ACT H . 2.57 -2.65 7.37
O ACT H . 2.54 -3.61 6.55
OXT ACT H . 2.25 -1.51 6.95
CH3 ACT H . 2.95 -2.86 8.79
ZN ZN I . 0.73 -2.87 5.17
C ACT J . 17.51 -23.83 13.94
O ACT J . 17.15 -22.91 13.17
OXT ACT J . 16.73 -24.12 14.88
CH3 ACT J . 18.82 -24.54 13.77
C1 EDO K . 5.72 -37.29 -0.28
O1 EDO K . 6.00 -36.82 1.04
C2 EDO K . 4.22 -37.39 -0.48
O2 EDO K . 3.62 -36.12 -0.23
C1 EDO L . 6.05 -27.35 8.88
O1 EDO L . 4.83 -26.77 9.36
C2 EDO L . 6.21 -28.77 9.40
O2 EDO L . 5.14 -29.60 8.94
#